data_3LKE
#
_entry.id   3LKE
#
_cell.length_a   73.917
_cell.length_b   52.519
_cell.length_c   104.891
_cell.angle_alpha   90.00
_cell.angle_beta   93.94
_cell.angle_gamma   90.00
#
_symmetry.space_group_name_H-M   'P 1 21 1'
#
loop_
_entity.id
_entity.type
_entity.pdbx_description
1 polymer 'Enoyl-CoA hydratase'
2 non-polymer GLYCEROL
3 water water
#
_entity_poly.entity_id   1
_entity_poly.type   'polypeptide(L)'
_entity_poly.pdbx_seq_one_letter_code
;MSLSYVHTEIQNDALYITLDYPEKKNGLDAELGTSLLEAIRAGNNETSIHSIILQSKHRAYFSSGPRLEDLLICASDQSD
VRLREVLHVLNHCVLEIFTSPKVTVALINGYAYGGGFNMMLACDRRIALRRAKFLENFHKMGISPDLGASYFLPRIIGYE
QTMNLLLEGKLFTSEEALRLGLIQEICENKQELQERVKNYLKAVSEGYVPAIAATKKLLKGKAAEELKQQLEQETEELVA
LFKQTEIKKRLEALVEGHHHHHH
;
_entity_poly.pdbx_strand_id   A,B,C
#
# COMPACT_ATOMS: atom_id res chain seq x y z
N LEU A 3 24.69 17.60 30.85
CA LEU A 3 23.30 17.41 31.27
C LEU A 3 22.62 16.35 30.41
N SER A 4 21.52 15.81 30.92
CA SER A 4 20.71 14.88 30.13
C SER A 4 19.74 15.61 29.22
N TYR A 5 19.67 15.16 27.98
CA TYR A 5 18.89 15.82 26.94
C TYR A 5 17.58 15.09 26.63
N VAL A 6 17.32 14.02 27.38
CA VAL A 6 16.08 13.28 27.24
C VAL A 6 15.55 12.96 28.64
N HIS A 7 14.36 13.43 28.95
CA HIS A 7 13.76 13.17 30.27
C HIS A 7 12.70 12.08 30.15
N THR A 8 12.47 11.36 31.24
CA THR A 8 11.43 10.34 31.26
C THR A 8 10.55 10.46 32.49
N GLU A 9 9.27 10.13 32.32
CA GLU A 9 8.31 10.22 33.41
C GLU A 9 7.17 9.25 33.14
N ILE A 10 6.80 8.46 34.13
CA ILE A 10 5.61 7.61 34.01
C ILE A 10 4.41 8.21 34.74
N GLN A 11 3.31 8.37 34.03
CA GLN A 11 2.09 8.90 34.63
C GLN A 11 0.90 8.07 34.20
N ASN A 12 0.29 7.40 35.17
CA ASN A 12 -0.91 6.63 34.93
C ASN A 12 -0.69 5.56 33.86
N ASP A 13 0.42 4.84 34.00
CA ASP A 13 0.74 3.72 33.12
C ASP A 13 1.06 4.15 31.69
N ALA A 14 1.54 5.38 31.54
CA ALA A 14 2.08 5.85 30.26
C ALA A 14 3.47 6.47 30.47
N LEU A 15 4.42 6.10 29.63
CA LEU A 15 5.76 6.66 29.69
C LEU A 15 5.88 7.87 28.76
N TYR A 16 6.29 9.00 29.33
CA TYR A 16 6.51 10.23 28.57
C TYR A 16 8.00 10.44 28.35
N ILE A 17 8.40 10.48 27.08
CA ILE A 17 9.79 10.71 26.71
C ILE A 17 9.89 12.11 26.14
N THR A 18 10.64 12.98 26.80
CA THR A 18 10.69 14.39 26.45
C THR A 18 12.06 14.83 25.98
N LEU A 19 12.11 15.38 24.76
CA LEU A 19 13.36 15.89 24.22
C LEU A 19 13.62 17.26 24.81
N ASP A 20 14.84 17.46 25.30
CA ASP A 20 15.22 18.69 25.99
C ASP A 20 16.68 19.01 25.69
N TYR A 21 16.91 19.58 24.51
CA TYR A 21 18.26 19.82 24.00
C TYR A 21 18.28 21.18 23.34
N PRO A 22 18.05 22.25 24.14
CA PRO A 22 17.80 23.58 23.55
C PRO A 22 18.98 24.10 22.74
N GLU A 23 20.20 23.79 23.16
CA GLU A 23 21.37 24.26 22.47
C GLU A 23 21.28 23.96 20.98
N LYS A 24 20.90 22.72 20.67
CA LYS A 24 20.79 22.27 19.28
C LYS A 24 19.34 22.20 18.78
N LYS A 25 18.43 22.87 19.46
CA LYS A 25 17.00 22.83 19.09
C LYS A 25 16.53 21.38 18.89
N ASN A 26 16.86 20.52 19.85
CA ASN A 26 16.45 19.12 19.82
C ASN A 26 17.00 18.37 18.61
N GLY A 27 18.16 18.81 18.14
CA GLY A 27 18.82 18.17 17.00
C GLY A 27 19.31 16.78 17.35
N LEU A 28 19.53 15.97 16.32
CA LEU A 28 19.89 14.58 16.52
C LEU A 28 21.40 14.39 16.37
N ASP A 29 22.05 14.02 17.47
CA ASP A 29 23.44 13.61 17.44
C ASP A 29 23.59 12.37 18.29
N ALA A 30 24.81 11.89 18.45
CA ALA A 30 25.02 10.63 19.16
C ALA A 30 24.67 10.74 20.64
N GLU A 31 24.88 11.92 21.22
CA GLU A 31 24.59 12.12 22.64
C GLU A 31 23.09 12.05 22.92
N LEU A 32 22.32 12.86 22.21
CA LEU A 32 20.87 12.79 22.32
C LEU A 32 20.36 11.41 21.92
N GLY A 33 20.87 10.88 20.81
CA GLY A 33 20.43 9.59 20.32
C GLY A 33 20.62 8.51 21.38
N THR A 34 21.78 8.53 22.02
CA THR A 34 22.09 7.52 23.02
C THR A 34 21.10 7.56 24.19
N SER A 35 20.75 8.76 24.64
CA SER A 35 19.84 8.91 25.76
C SER A 35 18.42 8.55 25.34
N LEU A 36 18.10 8.92 24.11
CA LEU A 36 16.79 8.60 23.56
C LEU A 36 16.62 7.09 23.45
N LEU A 37 17.62 6.40 22.92
CA LEU A 37 17.56 4.95 22.78
C LEU A 37 17.32 4.29 24.14
N GLU A 38 18.07 4.76 25.13
CA GLU A 38 17.99 4.23 26.49
C GLU A 38 16.57 4.39 27.06
N ALA A 39 15.96 5.53 26.80
CA ALA A 39 14.61 5.81 27.26
C ALA A 39 13.59 4.92 26.55
N ILE A 40 13.76 4.75 25.24
CA ILE A 40 12.86 3.92 24.46
C ILE A 40 12.87 2.47 24.94
N ARG A 41 14.07 1.94 25.12
CA ARG A 41 14.24 0.57 25.59
C ARG A 41 13.64 0.36 26.98
N ALA A 42 13.89 1.32 27.87
CA ALA A 42 13.35 1.24 29.21
C ALA A 42 11.83 1.18 29.20
N GLY A 43 11.21 1.97 28.32
CA GLY A 43 9.76 1.96 28.16
C GLY A 43 9.26 0.65 27.59
N ASN A 44 9.98 0.11 26.62
CA ASN A 44 9.62 -1.18 26.00
C ASN A 44 9.72 -2.34 26.99
N ASN A 45 10.60 -2.21 27.97
CA ASN A 45 10.80 -3.26 28.95
C ASN A 45 9.94 -3.13 30.20
N GLU A 46 9.21 -2.03 30.31
CA GLU A 46 8.34 -1.78 31.47
C GLU A 46 6.98 -2.44 31.28
N THR A 47 6.70 -3.46 32.09
CA THR A 47 5.51 -4.28 31.89
C THR A 47 4.18 -3.62 32.25
N SER A 48 4.20 -2.59 33.09
CA SER A 48 2.95 -1.98 33.54
C SER A 48 2.33 -0.96 32.57
N ILE A 49 3.17 -0.27 31.81
CA ILE A 49 2.65 0.78 30.94
C ILE A 49 2.03 0.22 29.68
N HIS A 50 1.09 0.97 29.11
CA HIS A 50 0.42 0.58 27.87
C HIS A 50 0.81 1.46 26.70
N SER A 51 1.43 2.60 27.00
CA SER A 51 1.74 3.59 25.98
C SER A 51 3.09 4.27 26.22
N ILE A 52 3.65 4.80 25.14
CA ILE A 52 4.85 5.61 25.19
C ILE A 52 4.57 6.86 24.36
N ILE A 53 4.75 8.02 24.98
CA ILE A 53 4.49 9.30 24.33
C ILE A 53 5.81 10.04 24.11
N LEU A 54 6.10 10.44 22.87
CA LEU A 54 7.32 11.20 22.58
C LEU A 54 6.95 12.64 22.33
N GLN A 55 7.67 13.56 22.98
CA GLN A 55 7.30 14.97 22.91
C GLN A 55 8.51 15.87 23.12
N SER A 56 8.31 17.17 22.95
CA SER A 56 9.35 18.18 23.14
C SER A 56 8.89 19.12 24.25
N LYS A 57 9.83 19.52 25.10
CA LYS A 57 9.53 20.44 26.18
C LYS A 57 9.60 21.89 25.73
N HIS A 58 10.00 22.10 24.49
CA HIS A 58 10.23 23.46 24.00
C HIS A 58 9.21 23.91 22.98
N ARG A 59 8.56 25.02 23.29
CA ARG A 59 7.45 25.54 22.51
C ARG A 59 7.80 25.72 21.03
N ALA A 60 8.99 26.24 20.76
CA ALA A 60 9.33 26.66 19.39
C ALA A 60 9.54 25.54 18.39
N TYR A 61 9.94 24.37 18.85
CA TYR A 61 10.34 23.31 17.92
C TYR A 61 10.08 21.93 18.47
N PHE A 62 9.77 20.98 17.60
CA PHE A 62 9.81 19.59 18.02
C PHE A 62 11.23 19.07 17.92
N SER A 63 11.78 19.10 16.71
CA SER A 63 13.17 18.72 16.49
C SER A 63 13.70 19.27 15.18
N SER A 64 14.86 19.92 15.26
CA SER A 64 15.49 20.46 14.07
C SER A 64 16.17 19.37 13.21
N GLY A 65 16.18 18.13 13.71
CA GLY A 65 16.77 17.03 12.98
C GLY A 65 18.28 17.08 13.08
N PRO A 66 18.98 16.24 12.30
CA PRO A 66 20.44 16.31 12.29
C PRO A 66 20.90 17.69 11.84
N ARG A 67 21.75 18.34 12.62
CA ARG A 67 22.17 19.72 12.32
C ARG A 67 23.11 19.78 11.12
N LEU A 68 22.89 20.76 10.26
CA LEU A 68 23.79 20.99 9.11
C LEU A 68 25.25 20.99 9.55
N GLU A 69 25.56 21.79 10.56
CA GLU A 69 26.93 21.94 11.03
C GLU A 69 27.52 20.59 11.44
N ASP A 70 26.70 19.75 12.06
CA ASP A 70 27.16 18.43 12.46
C ASP A 70 27.37 17.53 11.24
N LEU A 71 26.45 17.60 10.28
CA LEU A 71 26.61 16.86 9.04
C LEU A 71 27.87 17.33 8.31
N LEU A 72 28.13 18.63 8.32
CA LEU A 72 29.33 19.17 7.71
C LEU A 72 30.59 18.59 8.34
N ILE A 73 30.56 18.38 9.65
CA ILE A 73 31.66 17.75 10.36
C ILE A 73 31.90 16.32 9.83
N CYS A 74 30.82 15.55 9.72
CA CYS A 74 30.91 14.20 9.18
C CYS A 74 31.43 14.16 7.75
N ALA A 75 31.08 15.16 6.95
CA ALA A 75 31.58 15.21 5.57
C ALA A 75 33.07 15.55 5.56
N SER A 76 33.52 16.24 6.60
CA SER A 76 34.91 16.69 6.70
C SER A 76 35.80 15.66 7.38
N ASP A 77 35.19 14.67 8.03
CA ASP A 77 35.95 13.65 8.76
C ASP A 77 36.88 12.88 7.84
N GLN A 78 37.98 12.40 8.40
CA GLN A 78 38.92 11.57 7.65
C GLN A 78 38.37 10.16 7.43
N SER A 79 37.79 9.59 8.48
CA SER A 79 37.19 8.26 8.40
C SER A 79 35.67 8.33 8.54
N ASP A 80 35.00 7.19 8.37
CA ASP A 80 33.54 7.13 8.44
C ASP A 80 33.06 6.67 9.81
N VAL A 81 33.96 6.62 10.78
CA VAL A 81 33.64 6.07 12.10
C VAL A 81 32.58 6.89 12.84
N ARG A 82 32.69 8.20 12.78
CA ARG A 82 31.75 9.08 13.46
C ARG A 82 30.36 8.96 12.83
N LEU A 83 30.30 8.99 11.51
CA LEU A 83 29.04 8.84 10.80
C LEU A 83 28.35 7.52 11.16
N ARG A 84 29.09 6.42 11.06
CA ARG A 84 28.50 5.11 11.33
C ARG A 84 28.03 4.99 12.78
N GLU A 85 28.76 5.61 13.69
CA GLU A 85 28.40 5.60 15.11
C GLU A 85 27.03 6.24 15.34
N VAL A 86 26.82 7.43 14.78
CA VAL A 86 25.57 8.15 15.03
C VAL A 86 24.39 7.50 14.28
N LEU A 87 24.65 7.02 13.07
CA LEU A 87 23.63 6.30 12.31
C LEU A 87 23.21 5.07 13.08
N HIS A 88 24.19 4.41 13.72
CA HIS A 88 23.93 3.19 14.45
C HIS A 88 22.94 3.44 15.59
N VAL A 89 23.23 4.45 16.40
CA VAL A 89 22.38 4.77 17.53
C VAL A 89 21.00 5.25 17.07
N LEU A 90 20.98 6.15 16.09
CA LEU A 90 19.70 6.69 15.62
C LEU A 90 18.87 5.65 14.87
N ASN A 91 19.51 4.77 14.10
CA ASN A 91 18.74 3.69 13.48
C ASN A 91 18.12 2.78 14.56
N HIS A 92 18.86 2.52 15.62
CA HIS A 92 18.28 1.72 16.69
C HIS A 92 17.09 2.39 17.36
N CYS A 93 17.15 3.71 17.54
CA CYS A 93 15.97 4.42 18.04
C CYS A 93 14.76 4.15 17.14
N VAL A 94 14.94 4.28 15.83
CA VAL A 94 13.82 4.04 14.91
C VAL A 94 13.26 2.62 15.03
N LEU A 95 14.16 1.64 15.05
CA LEU A 95 13.76 0.24 15.07
C LEU A 95 13.07 -0.11 16.38
N GLU A 96 13.60 0.41 17.48
CA GLU A 96 13.05 0.17 18.83
C GLU A 96 11.70 0.83 19.07
N ILE A 97 11.46 1.96 18.42
CA ILE A 97 10.12 2.53 18.44
C ILE A 97 9.20 1.61 17.64
N PHE A 98 9.62 1.30 16.42
CA PHE A 98 8.81 0.49 15.53
C PHE A 98 8.39 -0.84 16.16
N THR A 99 9.31 -1.47 16.87
CA THR A 99 9.02 -2.79 17.44
C THR A 99 8.51 -2.71 18.87
N SER A 100 8.19 -1.50 19.33
CA SER A 100 7.63 -1.36 20.67
C SER A 100 6.31 -2.13 20.79
N PRO A 101 6.12 -2.86 21.89
CA PRO A 101 4.84 -3.52 22.20
C PRO A 101 3.79 -2.55 22.76
N LYS A 102 4.22 -1.35 23.13
CA LYS A 102 3.33 -0.34 23.70
C LYS A 102 2.75 0.51 22.57
N VAL A 103 1.61 1.14 22.82
CA VAL A 103 1.09 2.09 21.86
C VAL A 103 2.02 3.29 21.86
N THR A 104 2.49 3.68 20.68
CA THR A 104 3.47 4.75 20.56
C THR A 104 2.87 5.98 19.87
N VAL A 105 3.02 7.15 20.51
CA VAL A 105 2.46 8.37 19.97
C VAL A 105 3.51 9.48 19.99
N ALA A 106 3.65 10.20 18.88
CA ALA A 106 4.53 11.37 18.84
C ALA A 106 3.70 12.64 18.79
N LEU A 107 4.06 13.60 19.65
CA LEU A 107 3.35 14.87 19.68
C LEU A 107 4.24 15.92 19.06
N ILE A 108 3.88 16.38 17.85
CA ILE A 108 4.70 17.32 17.12
C ILE A 108 4.18 18.74 17.38
N ASN A 109 4.85 19.46 18.27
CA ASN A 109 4.35 20.75 18.72
C ASN A 109 4.80 21.92 17.85
N GLY A 110 6.07 21.89 17.44
CA GLY A 110 6.63 22.93 16.59
C GLY A 110 7.30 22.29 15.39
N TYR A 111 8.31 22.96 14.83
CA TYR A 111 8.86 22.44 13.58
C TYR A 111 9.59 21.12 13.76
N ALA A 112 9.57 20.30 12.70
CA ALA A 112 10.20 19.00 12.71
C ALA A 112 10.82 18.80 11.34
N TYR A 113 12.14 18.91 11.29
CA TYR A 113 12.87 18.85 10.02
C TYR A 113 13.57 17.53 9.85
N GLY A 114 13.59 17.06 8.60
CA GLY A 114 14.28 15.83 8.26
C GLY A 114 14.03 14.73 9.27
N GLY A 115 15.11 14.08 9.70
CA GLY A 115 15.00 12.97 10.61
C GLY A 115 14.37 13.35 11.94
N GLY A 116 14.38 14.65 12.25
CA GLY A 116 13.68 15.13 13.44
C GLY A 116 12.20 14.79 13.40
N PHE A 117 11.66 14.74 12.19
CA PHE A 117 10.30 14.25 12.01
C PHE A 117 10.30 12.77 11.65
N ASN A 118 11.19 12.38 10.74
CA ASN A 118 11.10 11.05 10.14
C ASN A 118 11.21 9.88 11.13
N MET A 119 12.03 10.05 12.16
CA MET A 119 12.10 9.04 13.24
C MET A 119 10.72 8.74 13.81
N MET A 120 9.89 9.78 13.92
CA MET A 120 8.57 9.61 14.54
C MET A 120 7.59 8.87 13.63
N LEU A 121 7.96 8.67 12.36
CA LEU A 121 7.09 7.90 11.46
C LEU A 121 6.98 6.44 11.88
N ALA A 122 7.87 6.01 12.78
CA ALA A 122 7.78 4.68 13.35
C ALA A 122 6.67 4.53 14.38
N CYS A 123 6.10 5.65 14.83
CA CYS A 123 5.08 5.61 15.88
C CYS A 123 3.74 5.18 15.33
N ASP A 124 2.89 4.68 16.23
CA ASP A 124 1.55 4.25 15.86
C ASP A 124 0.65 5.41 15.47
N ARG A 125 0.88 6.57 16.06
CA ARG A 125 0.09 7.74 15.73
C ARG A 125 0.96 8.97 15.94
N ARG A 126 0.82 9.92 15.02
CA ARG A 126 1.52 11.19 15.10
C ARG A 126 0.48 12.28 15.13
N ILE A 127 0.51 13.12 16.17
CA ILE A 127 -0.45 14.21 16.31
C ILE A 127 0.33 15.51 16.35
N ALA A 128 -0.08 16.49 15.54
CA ALA A 128 0.66 17.75 15.47
C ALA A 128 -0.19 18.94 15.92
N LEU A 129 0.46 19.96 16.48
CA LEU A 129 -0.20 21.25 16.62
C LEU A 129 -0.34 21.88 15.23
N ARG A 130 -1.39 22.68 15.03
CA ARG A 130 -1.60 23.38 13.77
C ARG A 130 -0.36 24.12 13.27
N ARG A 131 0.42 24.68 14.19
CA ARG A 131 1.54 25.54 13.81
C ARG A 131 2.79 24.76 13.43
N ALA A 132 2.76 23.44 13.61
CA ALA A 132 3.90 22.61 13.23
C ALA A 132 4.24 22.76 11.74
N LYS A 133 5.53 22.83 11.44
CA LYS A 133 6.02 22.89 10.07
C LYS A 133 7.00 21.74 9.85
N PHE A 134 7.13 21.32 8.60
CA PHE A 134 7.86 20.10 8.24
C PHE A 134 8.74 20.35 7.03
N LEU A 135 9.84 19.61 6.92
CA LEU A 135 10.78 19.78 5.82
C LEU A 135 11.53 18.48 5.53
N GLU A 136 11.65 18.15 4.25
CA GLU A 136 12.47 17.03 3.79
C GLU A 136 13.43 17.62 2.75
N ASN A 137 14.68 17.80 3.13
CA ASN A 137 15.56 18.62 2.31
C ASN A 137 16.73 17.86 1.69
N PHE A 138 16.58 16.54 1.62
CA PHE A 138 17.65 15.68 1.11
C PHE A 138 18.09 16.05 -0.31
N HIS A 139 17.14 16.43 -1.16
CA HIS A 139 17.44 16.68 -2.58
C HIS A 139 18.46 17.80 -2.76
N LYS A 140 18.23 18.93 -2.10
CA LYS A 140 19.14 20.05 -2.20
C LYS A 140 20.45 19.76 -1.47
N MET A 141 20.40 18.93 -0.43
CA MET A 141 21.60 18.58 0.34
C MET A 141 22.51 17.63 -0.45
N GLY A 142 21.94 16.94 -1.43
CA GLY A 142 22.71 15.97 -2.20
C GLY A 142 22.94 14.67 -1.44
N ILE A 143 22.05 14.37 -0.49
CA ILE A 143 22.13 13.09 0.21
C ILE A 143 20.90 12.22 0.02
N SER A 144 21.02 10.95 0.43
CA SER A 144 19.89 10.01 0.34
C SER A 144 19.12 10.02 1.65
N PRO A 145 17.87 9.54 1.64
CA PRO A 145 17.08 9.57 2.87
C PRO A 145 17.61 8.56 3.86
N ASP A 146 17.62 8.93 5.13
CA ASP A 146 18.08 8.03 6.18
C ASP A 146 17.11 8.01 7.36
N LEU A 147 17.55 7.37 8.45
CA LEU A 147 16.74 7.18 9.65
C LEU A 147 15.36 6.58 9.35
N GLY A 148 15.33 5.69 8.36
CA GLY A 148 14.10 4.99 7.98
C GLY A 148 13.23 5.69 6.94
N ALA A 149 13.59 6.91 6.56
CA ALA A 149 12.74 7.70 5.68
C ALA A 149 12.48 6.98 4.34
N SER A 150 13.49 6.25 3.84
CA SER A 150 13.32 5.52 2.59
C SER A 150 12.37 4.33 2.72
N TYR A 151 12.16 3.85 3.96
CA TYR A 151 11.20 2.79 4.24
C TYR A 151 9.79 3.39 4.49
N PHE A 152 9.73 4.38 5.37
CA PHE A 152 8.43 4.89 5.79
C PHE A 152 7.73 5.78 4.79
N LEU A 153 8.45 6.72 4.19
CA LEU A 153 7.79 7.63 3.26
C LEU A 153 6.98 6.94 2.14
N PRO A 154 7.60 6.03 1.38
CA PRO A 154 6.78 5.46 0.31
C PRO A 154 5.64 4.59 0.82
N ARG A 155 5.80 3.97 1.99
CA ARG A 155 4.72 3.14 2.54
C ARG A 155 3.55 4.01 3.01
N ILE A 156 3.87 5.21 3.48
CA ILE A 156 2.85 6.10 4.03
C ILE A 156 2.19 6.97 2.96
N ILE A 157 2.99 7.61 2.13
CA ILE A 157 2.44 8.56 1.17
C ILE A 157 2.49 8.07 -0.28
N GLY A 158 3.16 6.94 -0.51
CA GLY A 158 3.28 6.41 -1.87
C GLY A 158 4.61 6.79 -2.50
N TYR A 159 5.08 5.99 -3.44
CA TYR A 159 6.38 6.25 -4.08
C TYR A 159 6.36 7.54 -4.88
N GLU A 160 5.36 7.69 -5.75
CA GLU A 160 5.31 8.85 -6.64
C GLU A 160 5.29 10.13 -5.82
N GLN A 161 4.48 10.11 -4.77
CA GLN A 161 4.35 11.26 -3.90
C GLN A 161 5.66 11.54 -3.16
N THR A 162 6.37 10.48 -2.77
CA THR A 162 7.64 10.64 -2.08
C THR A 162 8.65 11.32 -3.00
N MET A 163 8.73 10.85 -4.25
CA MET A 163 9.66 11.48 -5.19
C MET A 163 9.34 12.97 -5.37
N ASN A 164 8.07 13.30 -5.48
CA ASN A 164 7.70 14.69 -5.65
C ASN A 164 7.95 15.56 -4.42
N LEU A 165 7.71 14.98 -3.25
CA LEU A 165 7.94 15.68 -2.00
C LEU A 165 9.42 16.02 -1.89
N LEU A 166 10.27 15.06 -2.22
CA LEU A 166 11.71 15.26 -2.11
C LEU A 166 12.21 16.25 -3.16
N LEU A 167 11.64 16.19 -4.36
CA LEU A 167 12.04 17.12 -5.41
C LEU A 167 11.69 18.55 -5.06
N GLU A 168 10.56 18.75 -4.40
CA GLU A 168 10.13 20.10 -4.06
C GLU A 168 10.88 20.71 -2.88
N GLY A 169 11.19 19.88 -1.89
CA GLY A 169 11.95 20.30 -0.74
C GLY A 169 11.43 21.57 -0.08
N LYS A 170 10.12 21.69 0.03
CA LYS A 170 9.52 22.89 0.58
C LYS A 170 9.11 22.69 2.03
N LEU A 171 9.21 23.74 2.83
CA LEU A 171 8.59 23.72 4.15
C LEU A 171 7.09 23.52 3.94
N PHE A 172 6.51 22.50 4.58
CA PHE A 172 5.10 22.27 4.39
C PHE A 172 4.33 22.25 5.71
N THR A 173 3.03 22.49 5.62
CA THR A 173 2.21 22.72 6.79
C THR A 173 1.70 21.44 7.40
N SER A 174 1.17 21.56 8.61
CA SER A 174 0.49 20.46 9.26
C SER A 174 -0.68 19.98 8.41
N GLU A 175 -1.38 20.91 7.76
CA GLU A 175 -2.50 20.54 6.91
C GLU A 175 -2.03 19.61 5.80
N GLU A 176 -0.89 19.96 5.20
CA GLU A 176 -0.32 19.14 4.11
C GLU A 176 0.15 17.80 4.65
N ALA A 177 0.78 17.82 5.83
CA ALA A 177 1.25 16.58 6.45
C ALA A 177 0.07 15.66 6.73
N LEU A 178 -1.04 16.24 7.18
CA LEU A 178 -2.27 15.49 7.42
C LEU A 178 -2.83 14.88 6.13
N ARG A 179 -2.90 15.68 5.06
CA ARG A 179 -3.46 15.23 3.80
C ARG A 179 -2.67 14.04 3.29
N LEU A 180 -1.35 14.10 3.48
CA LEU A 180 -0.46 13.04 2.98
C LEU A 180 -0.55 11.77 3.84
N GLY A 181 -0.99 11.90 5.08
CA GLY A 181 -0.98 10.79 6.00
C GLY A 181 0.27 10.70 6.87
N LEU A 182 1.16 11.68 6.75
CA LEU A 182 2.36 11.72 7.58
C LEU A 182 1.99 11.91 9.06
N ILE A 183 0.94 12.70 9.30
CA ILE A 183 0.35 12.82 10.63
C ILE A 183 -1.11 12.36 10.56
N GLN A 184 -1.66 11.97 11.72
CA GLN A 184 -3.01 11.42 11.78
C GLN A 184 -4.08 12.45 12.17
N GLU A 185 -3.67 13.51 12.86
CA GLU A 185 -4.60 14.54 13.27
C GLU A 185 -3.88 15.80 13.73
N ILE A 186 -4.65 16.90 13.74
CA ILE A 186 -4.13 18.19 14.16
C ILE A 186 -4.94 18.66 15.35
N CYS A 187 -4.26 19.21 16.36
CA CYS A 187 -4.90 19.96 17.44
C CYS A 187 -4.50 21.42 17.31
N GLU A 188 -5.43 22.34 17.60
CA GLU A 188 -5.19 23.75 17.36
C GLU A 188 -4.21 24.43 18.32
N ASN A 189 -4.13 23.95 19.56
CA ASN A 189 -3.27 24.56 20.57
C ASN A 189 -2.88 23.56 21.67
N LYS A 190 -1.98 23.99 22.55
CA LYS A 190 -1.44 23.13 23.58
C LYS A 190 -2.49 22.57 24.54
N GLN A 191 -3.47 23.40 24.91
CA GLN A 191 -4.55 22.98 25.79
C GLN A 191 -5.42 21.89 25.17
N GLU A 192 -5.81 22.12 23.92
CA GLU A 192 -6.60 21.14 23.19
C GLU A 192 -5.82 19.83 23.06
N LEU A 193 -4.53 19.95 22.77
CA LEU A 193 -3.68 18.77 22.62
C LEU A 193 -3.58 17.99 23.92
N GLN A 194 -3.41 18.69 25.04
CA GLN A 194 -3.31 18.05 26.34
C GLN A 194 -4.56 17.23 26.66
N GLU A 195 -5.73 17.78 26.34
CA GLU A 195 -7.01 17.08 26.58
C GLU A 195 -7.17 15.89 25.66
N ARG A 196 -6.83 16.06 24.38
CA ARG A 196 -6.92 14.99 23.39
C ARG A 196 -6.08 13.77 23.79
N VAL A 197 -4.85 14.04 24.19
CA VAL A 197 -3.93 13.00 24.66
C VAL A 197 -4.46 12.27 25.89
N LYS A 198 -5.01 13.04 26.82
CA LYS A 198 -5.67 12.46 27.99
C LYS A 198 -6.71 11.42 27.56
N ASN A 199 -7.59 11.84 26.66
CA ASN A 199 -8.67 10.98 26.20
C ASN A 199 -8.15 9.79 25.41
N TYR A 200 -7.14 10.02 24.58
CA TYR A 200 -6.59 8.95 23.76
C TYR A 200 -5.95 7.88 24.65
N LEU A 201 -5.19 8.30 25.65
CA LEU A 201 -4.56 7.36 26.56
C LEU A 201 -5.59 6.62 27.39
N LYS A 202 -6.68 7.31 27.71
CA LYS A 202 -7.78 6.68 28.44
C LYS A 202 -8.35 5.53 27.61
N ALA A 203 -8.51 5.74 26.30
CA ALA A 203 -9.02 4.72 25.40
C ALA A 203 -8.06 3.54 25.33
N VAL A 204 -6.77 3.83 25.23
CA VAL A 204 -5.75 2.79 25.24
C VAL A 204 -5.80 1.96 26.53
N SER A 205 -5.98 2.63 27.67
CA SER A 205 -5.90 1.94 28.96
C SER A 205 -7.01 0.93 29.14
N GLU A 206 -8.10 1.11 28.39
CA GLU A 206 -9.25 0.21 28.45
C GLU A 206 -8.95 -1.12 27.78
N GLY A 207 -7.79 -1.21 27.15
CA GLY A 207 -7.38 -2.42 26.47
C GLY A 207 -6.57 -3.34 27.37
N TYR A 208 -6.10 -4.45 26.82
CA TYR A 208 -5.33 -5.42 27.56
C TYR A 208 -3.92 -5.47 26.99
N VAL A 209 -2.94 -5.13 27.82
CA VAL A 209 -1.56 -4.98 27.38
C VAL A 209 -1.03 -6.12 26.49
N PRO A 210 -1.19 -7.38 26.92
CA PRO A 210 -0.72 -8.48 26.07
C PRO A 210 -1.47 -8.57 24.73
N ALA A 211 -2.75 -8.20 24.71
CA ALA A 211 -3.52 -8.26 23.47
C ALA A 211 -3.07 -7.15 22.53
N ILE A 212 -2.77 -5.99 23.12
CA ILE A 212 -2.23 -4.88 22.34
C ILE A 212 -0.91 -5.25 21.69
N ALA A 213 -0.03 -5.91 22.46
CA ALA A 213 1.25 -6.35 21.95
C ALA A 213 1.08 -7.39 20.85
N ALA A 214 0.19 -8.37 21.07
CA ALA A 214 -0.09 -9.41 20.07
C ALA A 214 -0.62 -8.77 18.79
N THR A 215 -1.48 -7.79 18.96
CA THR A 215 -2.11 -7.10 17.82
C THR A 215 -1.05 -6.40 16.98
N LYS A 216 -0.17 -5.65 17.64
CA LYS A 216 0.91 -4.99 16.92
C LYS A 216 1.82 -5.97 16.20
N LYS A 217 2.17 -7.06 16.88
CA LYS A 217 3.04 -8.08 16.30
C LYS A 217 2.42 -8.66 15.01
N LEU A 218 1.13 -8.96 15.08
CA LEU A 218 0.44 -9.53 13.92
C LEU A 218 0.39 -8.51 12.77
N LEU A 219 0.01 -7.29 13.08
CA LEU A 219 -0.14 -6.28 12.05
C LEU A 219 1.16 -6.01 11.30
N LYS A 220 2.26 -6.01 12.05
CA LYS A 220 3.56 -5.74 11.46
C LYS A 220 4.14 -6.90 10.67
N GLY A 221 3.78 -8.12 11.05
CA GLY A 221 4.25 -9.28 10.31
C GLY A 221 5.76 -9.29 10.23
N LYS A 222 6.29 -9.29 9.00
CA LYS A 222 7.72 -9.35 8.75
C LYS A 222 8.36 -7.97 8.58
N ALA A 223 7.58 -6.91 8.78
CA ALA A 223 8.04 -5.56 8.51
C ALA A 223 9.26 -5.15 9.32
N ALA A 224 9.35 -5.61 10.56
CA ALA A 224 10.48 -5.20 11.39
C ALA A 224 11.81 -5.67 10.80
N GLU A 225 11.81 -6.88 10.23
CA GLU A 225 13.03 -7.41 9.62
C GLU A 225 13.37 -6.61 8.36
N GLU A 226 12.34 -6.29 7.59
CA GLU A 226 12.51 -5.49 6.40
C GLU A 226 13.04 -4.09 6.70
N LEU A 227 12.51 -3.48 7.77
CA LEU A 227 12.98 -2.16 8.19
C LEU A 227 14.45 -2.25 8.60
N LYS A 228 14.76 -3.29 9.37
CA LYS A 228 16.13 -3.44 9.87
C LYS A 228 17.09 -3.49 8.69
N GLN A 229 16.75 -4.31 7.69
CA GLN A 229 17.59 -4.41 6.51
C GLN A 229 17.69 -3.10 5.74
N GLN A 230 16.58 -2.37 5.68
CA GLN A 230 16.58 -1.12 4.94
C GLN A 230 17.46 -0.08 5.65
N LEU A 231 17.42 -0.07 6.98
CA LEU A 231 18.23 0.87 7.75
C LEU A 231 19.71 0.63 7.46
N GLU A 232 20.07 -0.64 7.31
CA GLU A 232 21.46 -1.01 7.01
C GLU A 232 21.85 -0.45 5.65
N GLN A 233 20.97 -0.62 4.66
CA GLN A 233 21.21 -0.09 3.33
C GLN A 233 21.30 1.43 3.30
N GLU A 234 20.41 2.10 4.04
CA GLU A 234 20.47 3.56 4.11
C GLU A 234 21.85 3.98 4.63
N THR A 235 22.33 3.25 5.62
CA THR A 235 23.62 3.54 6.23
C THR A 235 24.72 3.49 5.16
N GLU A 236 24.76 2.40 4.40
CA GLU A 236 25.81 2.23 3.40
C GLU A 236 25.73 3.29 2.31
N GLU A 237 24.52 3.63 1.88
CA GLU A 237 24.36 4.62 0.81
C GLU A 237 24.78 6.01 1.28
N LEU A 238 24.42 6.35 2.51
CA LEU A 238 24.74 7.68 3.03
C LEU A 238 26.25 7.81 3.26
N VAL A 239 26.86 6.75 3.75
CA VAL A 239 28.30 6.78 4.04
C VAL A 239 29.07 6.96 2.75
N ALA A 240 28.61 6.28 1.70
CA ALA A 240 29.24 6.36 0.39
C ALA A 240 29.11 7.78 -0.17
N LEU A 241 27.97 8.42 0.06
CA LEU A 241 27.78 9.77 -0.47
C LEU A 241 28.61 10.80 0.31
N PHE A 242 28.81 10.57 1.59
CA PHE A 242 29.56 11.52 2.43
C PHE A 242 31.06 11.49 2.13
N LYS A 243 31.48 10.56 1.27
CA LYS A 243 32.87 10.47 0.83
C LYS A 243 33.08 11.27 -0.44
N GLN A 244 32.00 11.75 -1.02
CA GLN A 244 32.05 12.49 -2.28
C GLN A 244 32.12 13.99 -2.00
N THR A 245 33.02 14.69 -2.68
CA THR A 245 33.26 16.10 -2.39
C THR A 245 32.04 17.00 -2.58
N GLU A 246 31.09 16.57 -3.42
CA GLU A 246 29.89 17.37 -3.67
C GLU A 246 29.07 17.60 -2.38
N ILE A 247 29.05 16.59 -1.52
CA ILE A 247 28.25 16.65 -0.29
C ILE A 247 28.87 17.66 0.66
N LYS A 248 30.19 17.59 0.84
CA LYS A 248 30.89 18.58 1.66
C LYS A 248 30.62 19.98 1.12
N LYS A 249 30.77 20.14 -0.19
CA LYS A 249 30.56 21.42 -0.84
C LYS A 249 29.14 21.93 -0.59
N ARG A 250 28.16 21.03 -0.70
CA ARG A 250 26.77 21.42 -0.54
C ARG A 250 26.46 21.81 0.90
N LEU A 251 26.89 20.97 1.84
CA LEU A 251 26.69 21.26 3.25
C LEU A 251 27.39 22.56 3.63
N GLU A 252 28.55 22.80 3.04
CA GLU A 252 29.34 24.01 3.33
C GLU A 252 28.58 25.26 2.93
N ALA A 253 27.82 25.17 1.84
CA ALA A 253 27.08 26.32 1.34
C ALA A 253 25.83 26.58 2.17
N LEU A 254 25.11 25.50 2.49
CA LEU A 254 23.89 25.60 3.30
C LEU A 254 24.18 26.21 4.66
N SER B 4 14.31 4.62 -37.32
CA SER B 4 14.43 4.37 -35.89
C SER B 4 13.10 4.64 -35.21
N TYR B 5 12.54 3.62 -34.57
CA TYR B 5 11.17 3.69 -34.09
C TYR B 5 10.98 4.75 -32.99
N VAL B 6 12.08 5.15 -32.37
CA VAL B 6 12.08 6.14 -31.32
C VAL B 6 13.21 7.13 -31.61
N HIS B 7 13.00 8.40 -31.26
CA HIS B 7 14.02 9.42 -31.46
C HIS B 7 14.57 9.83 -30.12
N THR B 8 15.86 10.17 -30.09
CA THR B 8 16.52 10.55 -28.85
C THR B 8 17.21 11.90 -28.97
N GLU B 9 17.17 12.68 -27.90
CA GLU B 9 17.86 13.97 -27.86
C GLU B 9 18.15 14.40 -26.43
N ILE B 10 19.39 14.83 -26.19
CA ILE B 10 19.76 15.36 -24.89
C ILE B 10 19.76 16.88 -24.90
N GLN B 11 18.99 17.49 -24.01
CA GLN B 11 18.99 18.94 -23.87
C GLN B 11 19.03 19.30 -22.38
N ASN B 12 19.98 20.15 -22.02
CA ASN B 12 20.20 20.55 -20.63
C ASN B 12 20.24 19.37 -19.65
N ASP B 13 21.02 18.36 -20.00
CA ASP B 13 21.26 17.20 -19.14
C ASP B 13 20.01 16.35 -18.89
N ALA B 14 19.14 16.29 -19.90
CA ALA B 14 17.96 15.43 -19.84
C ALA B 14 17.76 14.75 -21.19
N LEU B 15 17.48 13.45 -21.16
CA LEU B 15 17.24 12.70 -22.39
C LEU B 15 15.76 12.66 -22.73
N TYR B 16 15.42 13.11 -23.94
CA TYR B 16 14.06 12.99 -24.42
C TYR B 16 13.96 11.81 -25.38
N ILE B 17 13.09 10.86 -25.03
CA ILE B 17 12.82 9.70 -25.89
C ILE B 17 11.44 9.89 -26.50
N THR B 18 11.38 10.04 -27.83
CA THR B 18 10.12 10.28 -28.50
C THR B 18 9.69 9.09 -29.34
N LEU B 19 8.50 8.56 -29.06
CA LEU B 19 7.93 7.51 -29.90
C LEU B 19 7.56 8.11 -31.24
N ASP B 20 8.04 7.51 -32.33
CA ASP B 20 7.76 8.02 -33.66
C ASP B 20 7.57 6.85 -34.61
N TYR B 21 6.41 6.22 -34.54
CA TYR B 21 6.10 5.00 -35.29
C TYR B 21 4.70 5.12 -35.87
N PRO B 22 4.51 6.02 -36.84
CA PRO B 22 3.18 6.30 -37.40
C PRO B 22 2.52 5.09 -38.05
N GLU B 23 3.31 4.19 -38.65
CA GLU B 23 2.76 3.01 -39.32
C GLU B 23 1.86 2.17 -38.42
N LYS B 24 2.14 2.16 -37.11
CA LYS B 24 1.33 1.43 -36.16
C LYS B 24 0.79 2.36 -35.07
N LYS B 25 0.79 3.66 -35.35
CA LYS B 25 0.36 4.67 -34.37
C LYS B 25 1.05 4.49 -33.01
N ASN B 26 2.37 4.39 -33.02
CA ASN B 26 3.15 4.16 -31.81
C ASN B 26 2.81 2.84 -31.11
N GLY B 27 2.37 1.86 -31.90
CA GLY B 27 2.01 0.57 -31.35
C GLY B 27 3.21 -0.19 -30.83
N LEU B 28 2.97 -1.14 -29.94
CA LEU B 28 4.04 -1.90 -29.31
C LEU B 28 4.23 -3.25 -29.99
N ASP B 29 5.33 -3.37 -30.73
CA ASP B 29 5.74 -4.67 -31.29
C ASP B 29 7.22 -4.90 -30.96
N ALA B 30 7.77 -5.99 -31.47
CA ALA B 30 9.17 -6.35 -31.15
C ALA B 30 10.17 -5.30 -31.65
N GLU B 31 9.89 -4.73 -32.82
CA GLU B 31 10.80 -3.77 -33.41
C GLU B 31 10.84 -2.44 -32.67
N LEU B 32 9.69 -1.84 -32.41
CA LEU B 32 9.67 -0.62 -31.59
C LEU B 32 10.27 -0.94 -30.23
N GLY B 33 9.93 -2.09 -29.69
CA GLY B 33 10.40 -2.50 -28.39
C GLY B 33 11.91 -2.53 -28.34
N THR B 34 12.52 -3.13 -29.36
CA THR B 34 13.98 -3.21 -29.40
C THR B 34 14.59 -1.82 -29.48
N SER B 35 13.99 -0.94 -30.28
CA SER B 35 14.49 0.42 -30.40
C SER B 35 14.33 1.23 -29.11
N LEU B 36 13.17 1.06 -28.47
CA LEU B 36 12.90 1.70 -27.19
C LEU B 36 13.88 1.23 -26.13
N LEU B 37 14.12 -0.08 -26.07
CA LEU B 37 14.98 -0.64 -25.05
C LEU B 37 16.39 -0.07 -25.16
N GLU B 38 16.89 0.00 -26.40
CA GLU B 38 18.20 0.56 -26.66
C GLU B 38 18.29 1.99 -26.13
N ALA B 39 17.26 2.78 -26.38
CA ALA B 39 17.24 4.19 -25.97
C ALA B 39 17.21 4.35 -24.45
N ILE B 40 16.40 3.54 -23.80
CA ILE B 40 16.30 3.58 -22.32
C ILE B 40 17.63 3.19 -21.70
N ARG B 41 18.26 2.16 -22.28
CA ARG B 41 19.55 1.68 -21.78
C ARG B 41 20.65 2.71 -21.97
N ALA B 42 20.59 3.47 -23.06
CA ALA B 42 21.57 4.50 -23.33
C ALA B 42 21.47 5.64 -22.31
N GLY B 43 20.24 6.04 -22.02
CA GLY B 43 19.99 7.07 -21.04
C GLY B 43 20.44 6.64 -19.66
N ASN B 44 20.19 5.37 -19.34
CA ASN B 44 20.53 4.85 -18.03
C ASN B 44 22.03 4.83 -17.81
N ASN B 45 22.76 4.62 -18.90
CA ASN B 45 24.20 4.47 -18.86
C ASN B 45 24.94 5.79 -19.06
N GLU B 46 24.17 6.84 -19.31
CA GLU B 46 24.71 8.17 -19.54
C GLU B 46 24.90 8.92 -18.23
N THR B 47 26.15 8.99 -17.79
CA THR B 47 26.49 9.55 -16.49
C THR B 47 26.05 11.01 -16.29
N SER B 48 26.02 11.77 -17.38
CA SER B 48 25.81 13.23 -17.29
C SER B 48 24.35 13.69 -17.14
N ILE B 49 23.40 12.84 -17.49
CA ILE B 49 22.00 13.27 -17.45
C ILE B 49 21.36 12.98 -16.10
N HIS B 50 20.31 13.73 -15.78
CA HIS B 50 19.63 13.53 -14.51
C HIS B 50 18.22 12.99 -14.69
N SER B 51 17.72 13.04 -15.93
CA SER B 51 16.33 12.72 -16.19
C SER B 51 16.12 12.09 -17.55
N ILE B 52 15.09 11.27 -17.65
CA ILE B 52 14.65 10.71 -18.92
C ILE B 52 13.16 11.00 -19.09
N ILE B 53 12.83 11.65 -20.20
CA ILE B 53 11.45 12.00 -20.51
C ILE B 53 10.95 11.14 -21.68
N LEU B 54 9.82 10.46 -21.48
CA LEU B 54 9.23 9.68 -22.57
C LEU B 54 8.00 10.40 -23.13
N GLN B 55 7.93 10.52 -24.45
CA GLN B 55 6.89 11.32 -25.07
C GLN B 55 6.56 10.83 -26.47
N SER B 56 5.49 11.38 -27.05
CA SER B 56 5.10 11.04 -28.42
C SER B 56 5.18 12.27 -29.32
N LYS B 57 5.57 12.04 -30.57
CA LYS B 57 5.71 13.11 -31.57
C LYS B 57 4.37 13.46 -32.19
N HIS B 58 3.40 12.57 -32.05
CA HIS B 58 2.14 12.72 -32.76
C HIS B 58 1.01 13.28 -31.90
N ARG B 59 0.33 14.28 -32.43
CA ARG B 59 -0.69 14.98 -31.66
C ARG B 59 -1.83 14.07 -31.24
N ALA B 60 -2.24 13.17 -32.13
CA ALA B 60 -3.45 12.39 -31.92
C ALA B 60 -3.34 11.35 -30.82
N TYR B 61 -2.14 10.84 -30.57
CA TYR B 61 -1.99 9.70 -29.69
C TYR B 61 -0.65 9.67 -28.97
N PHE B 62 -0.64 9.05 -27.80
CA PHE B 62 0.62 8.71 -27.15
C PHE B 62 1.07 7.36 -27.68
N SER B 63 0.24 6.35 -27.47
CA SER B 63 0.52 5.02 -28.00
C SER B 63 -0.74 4.18 -28.08
N SER B 64 -0.92 3.51 -29.23
CA SER B 64 -2.06 2.64 -29.44
C SER B 64 -1.93 1.32 -28.68
N GLY B 65 -0.77 1.09 -28.09
CA GLY B 65 -0.49 -0.18 -27.42
C GLY B 65 -0.24 -1.31 -28.39
N PRO B 66 -0.14 -2.54 -27.88
CA PRO B 66 -0.05 -3.72 -28.75
C PRO B 66 -1.22 -3.77 -29.73
N ARG B 67 -0.93 -4.10 -30.99
CA ARG B 67 -1.97 -4.07 -32.04
C ARG B 67 -2.74 -5.38 -32.10
N LEU B 68 -4.06 -5.27 -32.20
CA LEU B 68 -4.91 -6.46 -32.33
C LEU B 68 -4.43 -7.37 -33.45
N GLU B 69 -4.08 -6.79 -34.60
CA GLU B 69 -3.57 -7.58 -35.72
C GLU B 69 -2.33 -8.38 -35.35
N ASP B 70 -1.45 -7.76 -34.55
CA ASP B 70 -0.21 -8.42 -34.15
C ASP B 70 -0.48 -9.51 -33.13
N LEU B 71 -1.45 -9.25 -32.25
CA LEU B 71 -1.82 -10.23 -31.24
C LEU B 71 -2.44 -11.45 -31.91
N LEU B 72 -3.26 -11.21 -32.94
CA LEU B 72 -3.92 -12.28 -33.65
C LEU B 72 -2.89 -13.22 -34.29
N ILE B 73 -1.85 -12.65 -34.87
CA ILE B 73 -0.76 -13.45 -35.40
C ILE B 73 -0.16 -14.34 -34.34
N CYS B 74 0.01 -13.79 -33.14
CA CYS B 74 0.55 -14.54 -32.01
C CYS B 74 -0.40 -15.66 -31.60
N ALA B 75 -1.70 -15.38 -31.63
CA ALA B 75 -2.71 -16.38 -31.29
C ALA B 75 -2.70 -17.51 -32.30
N SER B 76 -2.43 -17.17 -33.56
CA SER B 76 -2.44 -18.13 -34.66
C SER B 76 -1.13 -18.93 -34.72
N ASP B 77 -0.04 -18.29 -34.32
CA ASP B 77 1.27 -18.94 -34.26
C ASP B 77 1.18 -20.11 -33.28
N GLN B 78 1.59 -21.30 -33.72
CA GLN B 78 1.53 -22.46 -32.82
C GLN B 78 2.81 -22.68 -32.01
N SER B 79 3.85 -21.88 -32.30
CA SER B 79 5.15 -22.06 -31.65
C SER B 79 5.36 -21.20 -30.39
N ASP B 80 4.58 -20.14 -30.24
CA ASP B 80 4.75 -19.20 -29.12
C ASP B 80 5.96 -18.28 -29.30
N VAL B 81 6.74 -18.52 -30.35
CA VAL B 81 7.98 -17.76 -30.53
C VAL B 81 7.75 -16.27 -30.75
N ARG B 82 6.77 -15.92 -31.55
CA ARG B 82 6.46 -14.52 -31.83
C ARG B 82 6.05 -13.82 -30.53
N LEU B 83 5.20 -14.50 -29.77
CA LEU B 83 4.68 -13.95 -28.52
C LEU B 83 5.78 -13.78 -27.48
N ARG B 84 6.57 -14.83 -27.25
CA ARG B 84 7.64 -14.74 -26.27
C ARG B 84 8.62 -13.66 -26.66
N GLU B 85 8.82 -13.49 -27.96
CA GLU B 85 9.77 -12.51 -28.48
C GLU B 85 9.38 -11.09 -28.13
N VAL B 86 8.13 -10.73 -28.42
CA VAL B 86 7.69 -9.36 -28.19
C VAL B 86 7.60 -9.08 -26.69
N LEU B 87 7.14 -10.06 -25.92
CA LEU B 87 7.02 -9.88 -24.47
C LEU B 87 8.39 -9.70 -23.83
N HIS B 88 9.38 -10.46 -24.30
CA HIS B 88 10.72 -10.34 -23.75
C HIS B 88 11.23 -8.92 -23.87
N VAL B 89 11.13 -8.34 -25.07
CA VAL B 89 11.67 -7.01 -25.27
C VAL B 89 10.89 -5.94 -24.50
N LEU B 90 9.56 -5.97 -24.63
CA LEU B 90 8.72 -4.98 -23.93
C LEU B 90 8.84 -5.10 -22.41
N ASN B 91 8.91 -6.32 -21.90
CA ASN B 91 9.14 -6.50 -20.46
C ASN B 91 10.46 -5.87 -20.03
N HIS B 92 11.50 -6.00 -20.87
CA HIS B 92 12.77 -5.36 -20.51
C HIS B 92 12.68 -3.85 -20.53
N CYS B 93 11.88 -3.30 -21.45
CA CYS B 93 11.63 -1.86 -21.44
C CYS B 93 11.02 -1.42 -20.13
N VAL B 94 9.99 -2.14 -19.70
CA VAL B 94 9.34 -1.83 -18.43
C VAL B 94 10.34 -1.87 -17.27
N LEU B 95 11.09 -2.96 -17.19
CA LEU B 95 12.06 -3.15 -16.13
C LEU B 95 13.17 -2.08 -16.17
N GLU B 96 13.67 -1.77 -17.37
CA GLU B 96 14.73 -0.77 -17.49
C GLU B 96 14.26 0.62 -17.14
N ILE B 97 12.99 0.90 -17.37
CA ILE B 97 12.43 2.17 -16.94
C ILE B 97 12.36 2.17 -15.42
N PHE B 98 11.82 1.09 -14.87
CA PHE B 98 11.62 0.99 -13.43
C PHE B 98 12.95 1.11 -12.67
N THR B 99 14.01 0.56 -13.23
CA THR B 99 15.28 0.55 -12.50
C THR B 99 16.23 1.66 -12.93
N SER B 100 15.73 2.60 -13.71
CA SER B 100 16.56 3.74 -14.10
C SER B 100 17.02 4.53 -12.87
N PRO B 101 18.30 4.94 -12.85
CA PRO B 101 18.81 5.79 -11.78
C PRO B 101 18.44 7.26 -12.02
N LYS B 102 17.91 7.54 -13.21
CA LYS B 102 17.52 8.90 -13.58
C LYS B 102 16.07 9.16 -13.20
N VAL B 103 15.70 10.42 -13.00
CA VAL B 103 14.30 10.71 -12.75
C VAL B 103 13.54 10.44 -14.06
N THR B 104 12.52 9.60 -13.99
CA THR B 104 11.77 9.22 -15.21
C THR B 104 10.37 9.85 -15.26
N VAL B 105 10.06 10.50 -16.38
CA VAL B 105 8.75 11.13 -16.56
C VAL B 105 8.14 10.73 -17.90
N ALA B 106 6.85 10.39 -17.86
CA ALA B 106 6.10 10.11 -19.08
C ALA B 106 5.09 11.22 -19.35
N LEU B 107 5.12 11.73 -20.57
CA LEU B 107 4.20 12.77 -21.01
C LEU B 107 3.10 12.18 -21.90
N ILE B 108 1.91 12.00 -21.34
CA ILE B 108 0.82 11.41 -22.08
C ILE B 108 -0.01 12.50 -22.76
N ASN B 109 0.28 12.74 -24.04
CA ASN B 109 -0.37 13.81 -24.78
C ASN B 109 -1.74 13.43 -25.36
N GLY B 110 -1.86 12.20 -25.83
CA GLY B 110 -3.09 11.75 -26.45
C GLY B 110 -3.51 10.41 -25.89
N TYR B 111 -4.25 9.62 -26.65
CA TYR B 111 -4.71 8.36 -26.11
C TYR B 111 -3.59 7.37 -25.87
N ALA B 112 -3.76 6.56 -24.83
CA ALA B 112 -2.76 5.58 -24.43
C ALA B 112 -3.52 4.34 -23.99
N TYR B 113 -3.56 3.35 -24.86
CA TYR B 113 -4.36 2.15 -24.64
C TYR B 113 -3.52 0.98 -24.16
N GLY B 114 -4.03 0.28 -23.15
CA GLY B 114 -3.40 -0.95 -22.69
C GLY B 114 -1.93 -0.73 -22.39
N GLY B 115 -1.08 -1.65 -22.85
CA GLY B 115 0.35 -1.56 -22.59
C GLY B 115 0.94 -0.24 -23.03
N GLY B 116 0.26 0.39 -23.99
CA GLY B 116 0.63 1.72 -24.43
C GLY B 116 0.63 2.74 -23.31
N PHE B 117 -0.29 2.58 -22.35
CA PHE B 117 -0.21 3.37 -21.11
C PHE B 117 0.59 2.65 -20.03
N ASN B 118 0.31 1.36 -19.86
CA ASN B 118 0.80 0.65 -18.68
C ASN B 118 2.32 0.60 -18.51
N MET B 119 3.06 0.50 -19.61
CA MET B 119 4.52 0.54 -19.51
C MET B 119 4.99 1.82 -18.79
N MET B 120 4.27 2.92 -18.99
CA MET B 120 4.70 4.19 -18.40
C MET B 120 4.44 4.24 -16.88
N LEU B 121 3.73 3.25 -16.34
CA LEU B 121 3.48 3.20 -14.91
C LEU B 121 4.78 2.92 -14.14
N ALA B 122 5.82 2.51 -14.87
CA ALA B 122 7.13 2.31 -14.26
C ALA B 122 7.87 3.63 -14.01
N CYS B 123 7.37 4.73 -14.56
CA CYS B 123 8.01 6.03 -14.42
C CYS B 123 7.78 6.63 -13.04
N ASP B 124 8.69 7.49 -12.61
CA ASP B 124 8.54 8.24 -11.36
C ASP B 124 7.35 9.17 -11.36
N ARG B 125 7.05 9.77 -12.51
CA ARG B 125 5.91 10.66 -12.60
C ARG B 125 5.24 10.54 -13.97
N ARG B 126 3.91 10.59 -13.97
CA ARG B 126 3.15 10.62 -15.21
C ARG B 126 2.32 11.90 -15.28
N ILE B 127 2.49 12.64 -16.37
CA ILE B 127 1.77 13.88 -16.59
C ILE B 127 0.99 13.77 -17.88
N ALA B 128 -0.29 14.12 -17.83
CA ALA B 128 -1.14 14.02 -19.02
C ALA B 128 -1.75 15.35 -19.40
N LEU B 129 -1.98 15.51 -20.71
CA LEU B 129 -2.83 16.59 -21.18
C LEU B 129 -4.27 16.27 -20.80
N ARG B 130 -5.07 17.30 -20.58
CA ARG B 130 -6.48 17.13 -20.31
C ARG B 130 -7.15 16.17 -21.29
N ARG B 131 -6.82 16.29 -22.57
CA ARG B 131 -7.51 15.53 -23.62
C ARG B 131 -7.17 14.03 -23.66
N ALA B 132 -6.11 13.63 -22.97
CA ALA B 132 -5.66 12.23 -22.98
C ALA B 132 -6.76 11.26 -22.55
N LYS B 133 -6.80 10.11 -23.21
CA LYS B 133 -7.77 9.07 -22.91
C LYS B 133 -7.06 7.74 -22.67
N PHE B 134 -7.64 6.91 -21.81
CA PHE B 134 -6.99 5.68 -21.37
C PHE B 134 -7.94 4.50 -21.50
N LEU B 135 -7.40 3.30 -21.63
CA LEU B 135 -8.22 2.11 -21.77
C LEU B 135 -7.48 0.87 -21.30
N GLU B 136 -8.15 0.05 -20.50
CA GLU B 136 -7.65 -1.27 -20.11
C GLU B 136 -8.65 -2.31 -20.60
N ASN B 137 -8.30 -3.03 -21.66
CA ASN B 137 -9.31 -3.87 -22.31
C ASN B 137 -9.09 -5.38 -22.19
N PHE B 138 -8.27 -5.81 -21.24
CA PHE B 138 -7.94 -7.23 -21.13
C PHE B 138 -9.18 -8.11 -20.96
N HIS B 139 -10.13 -7.64 -20.15
CA HIS B 139 -11.29 -8.45 -19.79
C HIS B 139 -12.09 -8.89 -21.01
N LYS B 140 -12.50 -7.94 -21.85
CA LYS B 140 -13.21 -8.30 -23.07
C LYS B 140 -12.36 -9.09 -24.08
N MET B 141 -11.04 -8.87 -24.08
CA MET B 141 -10.14 -9.58 -24.98
C MET B 141 -9.91 -11.03 -24.53
N GLY B 142 -10.28 -11.34 -23.29
CA GLY B 142 -10.13 -12.69 -22.79
C GLY B 142 -8.68 -13.02 -22.42
N ILE B 143 -7.92 -12.00 -22.05
CA ILE B 143 -6.51 -12.21 -21.69
C ILE B 143 -6.16 -11.64 -20.32
N SER B 144 -5.00 -12.02 -19.82
CA SER B 144 -4.52 -11.57 -18.54
C SER B 144 -3.67 -10.31 -18.71
N PRO B 145 -3.51 -9.51 -17.64
CA PRO B 145 -2.74 -8.26 -17.79
C PRO B 145 -1.26 -8.56 -18.02
N ASP B 146 -0.59 -7.76 -18.85
CA ASP B 146 0.84 -7.95 -19.11
C ASP B 146 1.61 -6.63 -19.08
N LEU B 147 2.88 -6.70 -19.48
CA LEU B 147 3.78 -5.55 -19.44
C LEU B 147 3.80 -4.87 -18.06
N GLY B 148 3.72 -5.68 -17.01
CA GLY B 148 3.88 -5.21 -15.65
C GLY B 148 2.55 -4.73 -15.07
N ALA B 149 1.48 -4.79 -15.86
CA ALA B 149 0.21 -4.23 -15.38
C ALA B 149 -0.28 -4.92 -14.11
N SER B 150 -0.04 -6.23 -14.01
CA SER B 150 -0.49 -6.96 -12.83
C SER B 150 0.31 -6.61 -11.60
N TYR B 151 1.51 -6.06 -11.79
CA TYR B 151 2.32 -5.57 -10.68
C TYR B 151 1.92 -4.13 -10.30
N PHE B 152 1.91 -3.26 -11.31
CA PHE B 152 1.72 -1.84 -11.07
C PHE B 152 0.31 -1.44 -10.68
N LEU B 153 -0.71 -1.98 -11.36
CA LEU B 153 -2.07 -1.50 -11.07
C LEU B 153 -2.45 -1.67 -9.58
N PRO B 154 -2.32 -2.89 -9.04
CA PRO B 154 -2.76 -3.01 -7.64
C PRO B 154 -1.94 -2.17 -6.67
N ARG B 155 -0.67 -1.97 -6.98
CA ARG B 155 0.18 -1.21 -6.08
C ARG B 155 -0.11 0.28 -6.14
N ILE B 156 -0.63 0.74 -7.29
CA ILE B 156 -0.92 2.15 -7.47
C ILE B 156 -2.35 2.53 -7.07
N ILE B 157 -3.32 1.74 -7.52
CA ILE B 157 -4.73 2.07 -7.31
C ILE B 157 -5.45 1.11 -6.36
N GLY B 158 -4.76 0.04 -5.96
CA GLY B 158 -5.30 -0.93 -5.02
C GLY B 158 -5.92 -2.13 -5.75
N TYR B 159 -5.96 -3.28 -5.08
CA TYR B 159 -6.46 -4.49 -5.74
C TYR B 159 -7.94 -4.38 -6.12
N GLU B 160 -8.77 -3.91 -5.20
CA GLU B 160 -10.20 -3.89 -5.47
C GLU B 160 -10.49 -2.95 -6.64
N GLN B 161 -9.80 -1.81 -6.68
CA GLN B 161 -10.06 -0.84 -7.76
C GLN B 161 -9.49 -1.36 -9.06
N THR B 162 -8.45 -2.18 -8.97
CA THR B 162 -7.91 -2.82 -10.18
C THR B 162 -8.89 -3.80 -10.77
N MET B 163 -9.48 -4.64 -9.92
CA MET B 163 -10.46 -5.59 -10.42
C MET B 163 -11.62 -4.83 -11.08
N ASN B 164 -12.03 -3.73 -10.46
CA ASN B 164 -13.18 -3.00 -11.00
C ASN B 164 -12.86 -2.26 -12.30
N LEU B 165 -11.67 -1.65 -12.36
CA LEU B 165 -11.20 -1.01 -13.59
C LEU B 165 -11.15 -1.99 -14.76
N LEU B 166 -10.64 -3.19 -14.50
CA LEU B 166 -10.52 -4.19 -15.56
C LEU B 166 -11.90 -4.69 -15.96
N LEU B 167 -12.77 -4.86 -14.98
CA LEU B 167 -14.10 -5.39 -15.27
C LEU B 167 -14.87 -4.43 -16.16
N GLU B 168 -14.81 -3.14 -15.84
CA GLU B 168 -15.58 -2.14 -16.57
C GLU B 168 -15.05 -1.89 -18.00
N GLY B 169 -13.74 -1.95 -18.15
CA GLY B 169 -13.10 -1.80 -19.45
C GLY B 169 -13.56 -0.58 -20.23
N LYS B 170 -13.70 0.54 -19.53
CA LYS B 170 -14.17 1.79 -20.13
C LYS B 170 -13.05 2.67 -20.64
N LEU B 171 -13.35 3.49 -21.64
CA LEU B 171 -12.45 4.56 -22.02
C LEU B 171 -12.56 5.58 -20.91
N PHE B 172 -11.47 5.87 -20.24
CA PHE B 172 -11.56 6.86 -19.16
C PHE B 172 -10.74 8.10 -19.39
N THR B 173 -11.09 9.16 -18.66
CA THR B 173 -10.52 10.47 -18.87
C THR B 173 -9.24 10.66 -18.05
N SER B 174 -8.49 11.69 -18.39
CA SER B 174 -7.36 12.12 -17.59
C SER B 174 -7.80 12.43 -16.15
N GLU B 175 -8.99 13.00 -15.98
CA GLU B 175 -9.52 13.33 -14.65
C GLU B 175 -9.62 12.09 -13.80
N GLU B 176 -10.19 11.03 -14.38
CA GLU B 176 -10.32 9.75 -13.70
C GLU B 176 -8.95 9.14 -13.40
N ALA B 177 -8.04 9.23 -14.37
CA ALA B 177 -6.70 8.69 -14.17
C ALA B 177 -5.98 9.41 -13.03
N LEU B 178 -6.20 10.72 -12.95
CA LEU B 178 -5.62 11.51 -11.87
C LEU B 178 -6.21 11.09 -10.52
N ARG B 179 -7.52 10.88 -10.48
CA ARG B 179 -8.21 10.51 -9.24
C ARG B 179 -7.66 9.19 -8.71
N LEU B 180 -7.47 8.26 -9.64
CA LEU B 180 -7.00 6.93 -9.28
C LEU B 180 -5.53 6.92 -8.89
N GLY B 181 -4.77 7.90 -9.39
CA GLY B 181 -3.35 7.99 -9.06
C GLY B 181 -2.50 7.35 -10.14
N LEU B 182 -3.15 6.96 -11.23
CA LEU B 182 -2.44 6.42 -12.41
C LEU B 182 -1.54 7.49 -13.00
N ILE B 183 -2.02 8.73 -13.01
CA ILE B 183 -1.18 9.86 -13.36
C ILE B 183 -1.13 10.83 -12.18
N GLN B 184 -0.09 11.66 -12.15
CA GLN B 184 0.14 12.54 -11.01
C GLN B 184 -0.40 13.95 -11.19
N GLU B 185 -0.49 14.39 -12.44
CA GLU B 185 -1.02 15.72 -12.72
C GLU B 185 -1.49 15.87 -14.15
N ILE B 186 -2.28 16.92 -14.37
CA ILE B 186 -2.85 17.21 -15.67
C ILE B 186 -2.44 18.62 -16.10
N CYS B 187 -2.01 18.77 -17.34
CA CYS B 187 -1.80 20.08 -17.94
C CYS B 187 -2.89 20.31 -18.99
N GLU B 188 -3.36 21.54 -19.11
CA GLU B 188 -4.52 21.83 -19.95
C GLU B 188 -4.18 21.84 -21.43
N ASN B 189 -2.96 22.25 -21.76
CA ASN B 189 -2.57 22.35 -23.16
C ASN B 189 -1.06 22.16 -23.36
N LYS B 190 -0.65 22.11 -24.61
CA LYS B 190 0.74 21.82 -24.96
C LYS B 190 1.74 22.81 -24.37
N GLN B 191 1.39 24.09 -24.40
CA GLN B 191 2.30 25.13 -23.91
C GLN B 191 2.50 25.03 -22.41
N GLU B 192 1.41 24.88 -21.67
CA GLU B 192 1.47 24.72 -20.22
C GLU B 192 2.29 23.50 -19.84
N LEU B 193 2.07 22.40 -20.57
CA LEU B 193 2.86 21.19 -20.39
C LEU B 193 4.33 21.47 -20.62
N GLN B 194 4.62 22.21 -21.69
CA GLN B 194 5.99 22.58 -22.03
C GLN B 194 6.66 23.37 -20.89
N GLU B 195 5.94 24.34 -20.35
CA GLU B 195 6.47 25.14 -19.25
C GLU B 195 6.61 24.28 -17.99
N ARG B 196 5.57 23.51 -17.70
CA ARG B 196 5.59 22.66 -16.51
C ARG B 196 6.80 21.71 -16.51
N VAL B 197 7.06 21.09 -17.66
CA VAL B 197 8.20 20.18 -17.77
C VAL B 197 9.53 20.90 -17.56
N LYS B 198 9.70 22.04 -18.21
CA LYS B 198 10.89 22.87 -18.01
C LYS B 198 11.13 23.10 -16.51
N ASN B 199 10.09 23.53 -15.80
CA ASN B 199 10.21 23.79 -14.37
C ASN B 199 10.53 22.53 -13.57
N TYR B 200 9.92 21.42 -13.96
CA TYR B 200 10.15 20.15 -13.27
C TYR B 200 11.62 19.73 -13.37
N LEU B 201 12.17 19.87 -14.57
CA LEU B 201 13.54 19.43 -14.83
C LEU B 201 14.52 20.37 -14.16
N LYS B 202 14.16 21.64 -14.07
CA LYS B 202 15.01 22.60 -13.37
C LYS B 202 15.13 22.13 -11.92
N ALA B 203 14.02 21.74 -11.32
CA ALA B 203 14.04 21.23 -9.94
C ALA B 203 14.87 19.96 -9.81
N VAL B 204 14.74 19.05 -10.78
CA VAL B 204 15.57 17.84 -10.74
C VAL B 204 17.05 18.20 -10.80
N SER B 205 17.40 19.21 -11.60
CA SER B 205 18.81 19.55 -11.83
C SER B 205 19.50 20.10 -10.59
N GLU B 206 18.71 20.59 -9.65
CA GLU B 206 19.26 21.16 -8.44
C GLU B 206 19.77 20.09 -7.49
N GLY B 207 19.42 18.83 -7.77
CA GLY B 207 19.93 17.71 -7.00
C GLY B 207 21.28 17.22 -7.51
N TYR B 208 21.80 16.18 -6.85
CA TYR B 208 23.08 15.58 -7.20
C TYR B 208 22.82 14.20 -7.81
N VAL B 209 23.25 13.99 -9.05
CA VAL B 209 22.91 12.75 -9.77
C VAL B 209 23.11 11.47 -8.97
N PRO B 210 24.27 11.29 -8.31
CA PRO B 210 24.44 10.03 -7.57
C PRO B 210 23.53 9.92 -6.34
N ALA B 211 23.14 11.05 -5.77
CA ALA B 211 22.23 11.01 -4.62
C ALA B 211 20.83 10.59 -5.08
N ILE B 212 20.41 11.13 -6.22
CA ILE B 212 19.13 10.76 -6.83
C ILE B 212 19.12 9.26 -7.10
N ALA B 213 20.21 8.74 -7.64
CA ALA B 213 20.26 7.31 -7.92
C ALA B 213 20.16 6.47 -6.64
N ALA B 214 20.89 6.88 -5.60
CA ALA B 214 20.87 6.16 -4.32
C ALA B 214 19.49 6.24 -3.68
N THR B 215 18.88 7.42 -3.79
CA THR B 215 17.54 7.63 -3.24
C THR B 215 16.53 6.67 -3.90
N LYS B 216 16.52 6.64 -5.23
CA LYS B 216 15.62 5.74 -5.95
C LYS B 216 15.86 4.29 -5.58
N LYS B 217 17.14 3.92 -5.47
CA LYS B 217 17.52 2.56 -5.13
C LYS B 217 16.96 2.16 -3.77
N LEU B 218 17.09 3.06 -2.79
CA LEU B 218 16.62 2.80 -1.43
C LEU B 218 15.08 2.70 -1.39
N LEU B 219 14.43 3.64 -2.04
CA LEU B 219 12.97 3.67 -2.05
C LEU B 219 12.37 2.41 -2.65
N LYS B 220 13.00 1.89 -3.70
CA LYS B 220 12.48 0.72 -4.38
C LYS B 220 12.75 -0.58 -3.62
N GLY B 221 13.83 -0.61 -2.84
CA GLY B 221 14.17 -1.78 -2.07
C GLY B 221 14.19 -3.04 -2.92
N LYS B 222 13.37 -4.02 -2.54
CA LYS B 222 13.32 -5.31 -3.24
C LYS B 222 12.33 -5.34 -4.41
N ALA B 223 11.78 -4.17 -4.76
CA ALA B 223 10.70 -4.11 -5.76
C ALA B 223 11.10 -4.60 -7.16
N ALA B 224 12.30 -4.26 -7.59
CA ALA B 224 12.72 -4.60 -8.96
C ALA B 224 12.80 -6.11 -9.09
N GLU B 225 13.28 -6.78 -8.04
CA GLU B 225 13.26 -8.24 -7.99
C GLU B 225 11.84 -8.81 -8.10
N GLU B 226 10.91 -8.21 -7.38
CA GLU B 226 9.50 -8.61 -7.44
C GLU B 226 8.89 -8.39 -8.83
N LEU B 227 9.18 -7.25 -9.43
CA LEU B 227 8.64 -6.91 -10.72
C LEU B 227 9.16 -7.88 -11.78
N LYS B 228 10.46 -8.16 -11.70
CA LYS B 228 11.09 -9.06 -12.66
C LYS B 228 10.39 -10.42 -12.64
N GLN B 229 10.14 -10.92 -11.44
CA GLN B 229 9.47 -12.19 -11.22
C GLN B 229 8.03 -12.14 -11.74
N GLN B 230 7.34 -11.04 -11.49
CA GLN B 230 5.95 -10.90 -11.94
C GLN B 230 5.87 -10.86 -13.47
N LEU B 231 6.81 -10.15 -14.10
CA LEU B 231 6.86 -10.09 -15.56
C LEU B 231 7.00 -11.50 -16.15
N GLU B 232 7.84 -12.31 -15.53
CA GLU B 232 7.97 -13.70 -15.97
C GLU B 232 6.67 -14.48 -15.82
N GLN B 233 5.99 -14.28 -14.69
CA GLN B 233 4.72 -14.96 -14.51
C GLN B 233 3.66 -14.45 -15.48
N GLU B 234 3.66 -13.15 -15.76
CA GLU B 234 2.70 -12.62 -16.74
C GLU B 234 2.91 -13.26 -18.09
N THR B 235 4.18 -13.39 -18.46
CA THR B 235 4.56 -14.02 -19.74
C THR B 235 3.97 -15.42 -19.83
N GLU B 236 4.19 -16.25 -18.81
CA GLU B 236 3.71 -17.63 -18.85
C GLU B 236 2.19 -17.74 -18.90
N GLU B 237 1.51 -16.89 -18.14
CA GLU B 237 0.05 -16.94 -18.14
C GLU B 237 -0.50 -16.53 -19.50
N LEU B 238 0.10 -15.52 -20.11
CA LEU B 238 -0.39 -14.99 -21.37
C LEU B 238 -0.14 -15.99 -22.49
N VAL B 239 1.04 -16.58 -22.51
CA VAL B 239 1.36 -17.61 -23.50
C VAL B 239 0.36 -18.77 -23.39
N ALA B 240 0.06 -19.18 -22.16
CA ALA B 240 -0.89 -20.27 -21.95
C ALA B 240 -2.26 -19.91 -22.49
N LEU B 241 -2.72 -18.70 -22.21
CA LEU B 241 -4.02 -18.27 -22.73
C LEU B 241 -4.04 -18.19 -24.26
N PHE B 242 -2.92 -17.81 -24.85
CA PHE B 242 -2.84 -17.63 -26.31
C PHE B 242 -2.82 -18.95 -27.06
N LYS B 243 -2.74 -20.05 -26.33
CA LYS B 243 -2.86 -21.38 -26.92
C LYS B 243 -4.31 -21.84 -26.92
N GLN B 244 -5.19 -21.08 -26.25
CA GLN B 244 -6.60 -21.47 -26.13
C GLN B 244 -7.47 -20.83 -27.22
N THR B 245 -8.33 -21.64 -27.83
CA THR B 245 -9.09 -21.17 -28.98
C THR B 245 -9.88 -19.89 -28.72
N GLU B 246 -10.45 -19.76 -27.52
CA GLU B 246 -11.26 -18.59 -27.20
C GLU B 246 -10.53 -17.29 -27.50
N ILE B 247 -9.23 -17.26 -27.21
CA ILE B 247 -8.46 -16.03 -27.41
C ILE B 247 -8.33 -15.68 -28.91
N LYS B 248 -8.08 -16.70 -29.72
CA LYS B 248 -8.04 -16.52 -31.18
C LYS B 248 -9.37 -15.97 -31.68
N LYS B 249 -10.46 -16.56 -31.21
CA LYS B 249 -11.80 -16.15 -31.62
C LYS B 249 -12.12 -14.69 -31.26
N ARG B 250 -11.78 -14.30 -30.04
CA ARG B 250 -12.00 -12.92 -29.61
C ARG B 250 -11.16 -11.92 -30.39
N LEU B 251 -9.93 -12.29 -30.70
CA LEU B 251 -9.05 -11.39 -31.45
C LEU B 251 -9.54 -11.25 -32.87
N GLU B 252 -9.97 -12.38 -33.43
CA GLU B 252 -10.53 -12.38 -34.78
C GLU B 252 -11.74 -11.43 -34.84
N ALA B 253 -12.66 -11.62 -33.90
CA ALA B 253 -13.88 -10.84 -33.85
C ALA B 253 -13.56 -9.34 -33.73
N LEU B 254 -12.59 -9.03 -32.89
CA LEU B 254 -12.21 -7.64 -32.69
C LEU B 254 -11.58 -7.06 -33.96
N LEU C 3 -30.97 -29.01 9.69
CA LEU C 3 -31.29 -27.75 9.03
C LEU C 3 -30.01 -27.04 8.62
N SER C 4 -29.86 -26.80 7.32
CA SER C 4 -28.64 -26.19 6.81
C SER C 4 -28.69 -24.68 6.96
N TYR C 5 -27.60 -24.09 7.46
CA TYR C 5 -27.57 -22.66 7.71
C TYR C 5 -26.95 -21.85 6.56
N VAL C 6 -26.58 -22.55 5.50
CA VAL C 6 -26.00 -21.92 4.33
C VAL C 6 -26.65 -22.54 3.10
N HIS C 7 -27.27 -21.70 2.26
CA HIS C 7 -27.94 -22.19 1.07
C HIS C 7 -27.15 -21.80 -0.17
N THR C 8 -27.24 -22.63 -1.21
CA THR C 8 -26.55 -22.35 -2.46
C THR C 8 -27.51 -22.50 -3.63
N GLU C 9 -27.36 -21.61 -4.62
CA GLU C 9 -28.13 -21.66 -5.84
C GLU C 9 -27.28 -21.07 -6.96
N ILE C 10 -27.28 -21.70 -8.12
CA ILE C 10 -26.62 -21.12 -9.27
C ILE C 10 -27.65 -20.42 -10.15
N GLN C 11 -27.43 -19.13 -10.41
CA GLN C 11 -28.33 -18.35 -11.24
C GLN C 11 -27.54 -17.32 -12.06
N ASN C 12 -27.76 -17.30 -13.36
CA ASN C 12 -27.02 -16.39 -14.23
C ASN C 12 -25.51 -16.61 -14.14
N ASP C 13 -25.11 -17.88 -14.24
CA ASP C 13 -23.71 -18.29 -14.18
C ASP C 13 -22.97 -17.79 -12.95
N ALA C 14 -23.71 -17.58 -11.88
CA ALA C 14 -23.12 -17.19 -10.62
C ALA C 14 -23.65 -18.07 -9.50
N LEU C 15 -22.77 -18.43 -8.57
CA LEU C 15 -23.19 -19.14 -7.36
C LEU C 15 -23.55 -18.14 -6.29
N TYR C 16 -24.81 -18.18 -5.84
CA TYR C 16 -25.24 -17.40 -4.70
C TYR C 16 -25.14 -18.23 -3.42
N ILE C 17 -24.34 -17.74 -2.48
CA ILE C 17 -24.21 -18.38 -1.18
C ILE C 17 -24.94 -17.50 -0.16
N THR C 18 -25.96 -18.05 0.46
CA THR C 18 -26.81 -17.28 1.36
C THR C 18 -26.76 -17.77 2.80
N LEU C 19 -26.39 -16.87 3.70
CA LEU C 19 -26.34 -17.14 5.13
C LEU C 19 -27.74 -17.06 5.73
N ASP C 20 -28.19 -18.16 6.33
CA ASP C 20 -29.56 -18.26 6.84
C ASP C 20 -29.55 -18.93 8.21
N TYR C 21 -29.22 -18.16 9.24
CA TYR C 21 -28.96 -18.70 10.58
C TYR C 21 -29.58 -17.80 11.65
N PRO C 22 -30.92 -17.65 11.65
CA PRO C 22 -31.63 -16.76 12.58
C PRO C 22 -31.33 -17.11 14.04
N GLU C 23 -31.18 -18.40 14.33
CA GLU C 23 -30.92 -18.86 15.69
C GLU C 23 -29.74 -18.13 16.32
N LYS C 24 -28.78 -17.73 15.49
CA LYS C 24 -27.60 -17.00 15.98
C LYS C 24 -27.37 -15.68 15.24
N LYS C 25 -28.42 -15.19 14.58
CA LYS C 25 -28.31 -13.99 13.75
C LYS C 25 -27.08 -14.10 12.85
N ASN C 26 -27.01 -15.18 12.08
CA ASN C 26 -25.89 -15.40 11.16
C ASN C 26 -24.51 -15.37 11.83
N GLY C 27 -24.46 -15.85 13.06
CA GLY C 27 -23.21 -15.92 13.80
C GLY C 27 -22.26 -16.94 13.20
N LEU C 28 -20.98 -16.79 13.48
CA LEU C 28 -19.99 -17.71 12.93
C LEU C 28 -19.60 -18.76 13.94
N ASP C 29 -20.00 -20.01 13.69
CA ASP C 29 -19.52 -21.14 14.47
C ASP C 29 -18.95 -22.23 13.56
N ALA C 30 -18.57 -23.36 14.12
CA ALA C 30 -17.95 -24.39 13.31
C ALA C 30 -19.00 -25.07 12.43
N GLU C 31 -20.25 -25.03 12.87
CA GLU C 31 -21.37 -25.60 12.14
C GLU C 31 -21.64 -24.82 10.85
N LEU C 32 -21.91 -23.52 10.99
CA LEU C 32 -22.10 -22.66 9.83
C LEU C 32 -20.84 -22.58 9.00
N GLY C 33 -19.69 -22.56 9.69
CA GLY C 33 -18.40 -22.51 9.03
C GLY C 33 -18.13 -23.69 8.14
N THR C 34 -18.46 -24.89 8.62
CA THR C 34 -18.29 -26.10 7.81
C THR C 34 -19.15 -26.04 6.53
N SER C 35 -20.41 -25.60 6.70
CA SER C 35 -21.33 -25.50 5.58
C SER C 35 -20.85 -24.44 4.58
N LEU C 36 -20.42 -23.30 5.11
CA LEU C 36 -19.90 -22.22 4.26
C LEU C 36 -18.65 -22.67 3.48
N LEU C 37 -17.77 -23.42 4.13
CA LEU C 37 -16.57 -23.87 3.46
C LEU C 37 -16.91 -24.81 2.31
N GLU C 38 -17.85 -25.71 2.56
CA GLU C 38 -18.27 -26.61 1.49
C GLU C 38 -18.82 -25.81 0.32
N ALA C 39 -19.60 -24.78 0.62
CA ALA C 39 -20.22 -23.95 -0.43
C ALA C 39 -19.15 -23.24 -1.24
N ILE C 40 -18.15 -22.68 -0.56
CA ILE C 40 -17.05 -21.99 -1.22
C ILE C 40 -16.26 -22.92 -2.15
N ARG C 41 -15.89 -24.09 -1.63
CA ARG C 41 -15.12 -25.05 -2.43
C ARG C 41 -15.90 -25.52 -3.64
N ALA C 42 -17.20 -25.73 -3.46
CA ALA C 42 -18.05 -26.17 -4.54
C ALA C 42 -18.02 -25.12 -5.65
N GLY C 43 -18.13 -23.86 -5.25
CA GLY C 43 -18.08 -22.76 -6.20
C GLY C 43 -16.76 -22.67 -6.94
N ASN C 44 -15.66 -22.79 -6.20
CA ASN C 44 -14.33 -22.68 -6.75
C ASN C 44 -14.07 -23.77 -7.80
N ASN C 45 -14.75 -24.90 -7.62
CA ASN C 45 -14.54 -26.04 -8.52
C ASN C 45 -15.61 -26.18 -9.57
N GLU C 46 -16.44 -25.17 -9.69
CA GLU C 46 -17.54 -25.21 -10.65
C GLU C 46 -17.14 -24.48 -11.93
N THR C 47 -16.83 -25.23 -12.99
CA THR C 47 -16.32 -24.60 -14.21
C THR C 47 -17.36 -23.76 -14.92
N SER C 48 -18.63 -23.97 -14.61
CA SER C 48 -19.69 -23.30 -15.36
C SER C 48 -20.05 -21.91 -14.82
N ILE C 49 -19.44 -21.50 -13.70
CA ILE C 49 -19.73 -20.18 -13.17
C ILE C 49 -18.55 -19.23 -13.27
N HIS C 50 -18.83 -17.93 -13.28
CA HIS C 50 -17.77 -16.92 -13.30
C HIS C 50 -17.63 -16.15 -11.99
N SER C 51 -18.66 -16.23 -11.14
CA SER C 51 -18.70 -15.43 -9.91
C SER C 51 -19.29 -16.18 -8.72
N ILE C 52 -18.92 -15.75 -7.53
CA ILE C 52 -19.55 -16.22 -6.31
C ILE C 52 -20.05 -15.02 -5.53
N ILE C 53 -21.33 -15.02 -5.22
CA ILE C 53 -21.95 -13.93 -4.46
C ILE C 53 -22.28 -14.39 -3.04
N LEU C 54 -21.77 -13.69 -2.02
CA LEU C 54 -22.08 -14.02 -0.63
C LEU C 54 -23.08 -13.01 -0.04
N GLN C 55 -24.17 -13.52 0.52
CA GLN C 55 -25.25 -12.65 0.98
C GLN C 55 -25.95 -13.23 2.19
N SER C 56 -26.81 -12.41 2.80
CA SER C 56 -27.62 -12.81 3.96
C SER C 56 -29.10 -12.83 3.57
N LYS C 57 -29.83 -13.80 4.10
CA LYS C 57 -31.26 -13.94 3.87
C LYS C 57 -32.10 -12.98 4.71
N HIS C 58 -31.49 -12.39 5.74
CA HIS C 58 -32.25 -11.63 6.75
C HIS C 58 -31.97 -10.15 6.71
N ARG C 59 -33.04 -9.36 6.66
CA ARG C 59 -32.93 -7.92 6.48
C ARG C 59 -32.11 -7.24 7.56
N ALA C 60 -32.29 -7.67 8.81
CA ALA C 60 -31.70 -6.99 9.97
C ALA C 60 -30.16 -7.02 10.00
N TYR C 61 -29.57 -8.13 9.58
CA TYR C 61 -28.15 -8.34 9.75
C TYR C 61 -27.52 -9.09 8.59
N PHE C 62 -26.26 -8.78 8.30
CA PHE C 62 -25.47 -9.63 7.45
C PHE C 62 -24.94 -10.79 8.31
N SER C 63 -24.14 -10.46 9.32
CA SER C 63 -23.64 -11.46 10.27
C SER C 63 -23.24 -10.81 11.58
N SER C 64 -23.63 -11.45 12.69
CA SER C 64 -23.30 -10.93 14.01
C SER C 64 -21.90 -11.38 14.39
N GLY C 65 -21.27 -12.14 13.49
CA GLY C 65 -19.92 -12.63 13.71
C GLY C 65 -19.84 -13.73 14.75
N PRO C 66 -18.62 -14.03 15.21
CA PRO C 66 -18.45 -14.97 16.33
C PRO C 66 -19.19 -14.45 17.55
N ARG C 67 -20.10 -15.25 18.10
CA ARG C 67 -20.96 -14.79 19.18
C ARG C 67 -20.20 -14.76 20.51
N LEU C 68 -20.46 -13.73 21.31
CA LEU C 68 -19.82 -13.60 22.63
C LEU C 68 -20.01 -14.87 23.47
N GLU C 69 -21.22 -15.41 23.43
CA GLU C 69 -21.53 -16.62 24.17
C GLU C 69 -20.63 -17.78 23.79
N ASP C 70 -20.38 -17.94 22.49
CA ASP C 70 -19.55 -19.03 22.02
C ASP C 70 -18.08 -18.79 22.35
N LEU C 71 -17.66 -17.54 22.26
CA LEU C 71 -16.28 -17.20 22.60
C LEU C 71 -16.01 -17.50 24.08
N LEU C 72 -16.96 -17.11 24.93
CA LEU C 72 -16.82 -17.37 26.36
C LEU C 72 -16.60 -18.86 26.61
N ILE C 73 -17.44 -19.68 25.99
CA ILE C 73 -17.31 -21.13 26.13
C ILE C 73 -15.89 -21.57 25.82
N CYS C 74 -15.34 -21.13 24.70
CA CYS C 74 -13.95 -21.42 24.35
C CYS C 74 -12.99 -20.93 25.44
N ALA C 75 -13.26 -19.76 25.99
CA ALA C 75 -12.38 -19.18 27.01
C ALA C 75 -12.43 -19.98 28.30
N SER C 76 -13.59 -20.54 28.59
CA SER C 76 -13.81 -21.28 29.83
C SER C 76 -13.35 -22.72 29.68
N ASP C 77 -13.21 -23.17 28.43
CA ASP C 77 -12.75 -24.52 28.14
C ASP C 77 -11.30 -24.69 28.58
N GLN C 78 -10.97 -25.86 29.12
CA GLN C 78 -9.61 -26.10 29.62
C GLN C 78 -8.70 -26.71 28.55
N SER C 79 -9.27 -27.03 27.39
CA SER C 79 -8.47 -27.49 26.25
C SER C 79 -8.67 -26.53 25.09
N ASP C 80 -7.66 -26.41 24.23
CA ASP C 80 -7.72 -25.46 23.11
C ASP C 80 -8.35 -26.07 21.85
N VAL C 81 -8.92 -27.26 21.97
CA VAL C 81 -9.38 -28.00 20.79
C VAL C 81 -10.56 -27.35 20.07
N ARG C 82 -11.61 -27.01 20.80
CA ARG C 82 -12.80 -26.41 20.18
C ARG C 82 -12.45 -25.08 19.50
N LEU C 83 -11.61 -24.28 20.16
CA LEU C 83 -11.19 -23.01 19.61
C LEU C 83 -10.37 -23.20 18.35
N ARG C 84 -9.44 -24.16 18.37
CA ARG C 84 -8.59 -24.41 17.22
C ARG C 84 -9.36 -25.04 16.06
N GLU C 85 -10.41 -25.78 16.39
CA GLU C 85 -11.28 -26.38 15.39
C GLU C 85 -12.10 -25.33 14.64
N VAL C 86 -12.67 -24.38 15.37
CA VAL C 86 -13.45 -23.33 14.73
C VAL C 86 -12.54 -22.40 13.93
N LEU C 87 -11.39 -22.05 14.51
CA LEU C 87 -10.42 -21.25 13.77
C LEU C 87 -9.98 -21.93 12.48
N HIS C 88 -9.77 -23.24 12.53
CA HIS C 88 -9.31 -23.97 11.36
C HIS C 88 -10.29 -23.88 10.21
N VAL C 89 -11.58 -24.07 10.49
CA VAL C 89 -12.59 -24.05 9.44
C VAL C 89 -12.80 -22.62 8.93
N LEU C 90 -12.97 -21.67 9.84
CA LEU C 90 -13.19 -20.28 9.44
C LEU C 90 -11.97 -19.70 8.69
N ASN C 91 -10.77 -20.00 9.18
CA ASN C 91 -9.56 -19.58 8.48
C ASN C 91 -9.53 -20.15 7.06
N HIS C 92 -9.92 -21.41 6.89
CA HIS C 92 -10.03 -21.96 5.55
C HIS C 92 -11.08 -21.26 4.68
N CYS C 93 -12.21 -20.87 5.27
CA CYS C 93 -13.20 -20.07 4.52
C CYS C 93 -12.57 -18.80 4.00
N VAL C 94 -11.85 -18.08 4.87
CA VAL C 94 -11.17 -16.87 4.45
C VAL C 94 -10.16 -17.12 3.32
N LEU C 95 -9.30 -18.13 3.49
CA LEU C 95 -8.26 -18.42 2.49
C LEU C 95 -8.85 -18.89 1.16
N GLU C 96 -9.88 -19.72 1.23
CA GLU C 96 -10.54 -20.23 0.04
C GLU C 96 -11.38 -19.18 -0.67
N ILE C 97 -11.87 -18.20 0.07
CA ILE C 97 -12.47 -17.05 -0.61
C ILE C 97 -11.35 -16.29 -1.34
N PHE C 98 -10.26 -16.03 -0.62
CA PHE C 98 -9.18 -15.22 -1.17
C PHE C 98 -8.55 -15.83 -2.42
N THR C 99 -8.47 -17.16 -2.44
CA THR C 99 -7.79 -17.83 -3.55
C THR C 99 -8.82 -18.32 -4.58
N SER C 100 -10.07 -17.89 -4.45
CA SER C 100 -11.09 -18.27 -5.43
C SER C 100 -10.71 -17.78 -6.81
N PRO C 101 -10.86 -18.65 -7.81
CA PRO C 101 -10.60 -18.19 -9.19
C PRO C 101 -11.79 -17.41 -9.74
N LYS C 102 -12.92 -17.41 -9.04
CA LYS C 102 -14.15 -16.74 -9.50
C LYS C 102 -14.16 -15.32 -8.99
N VAL C 103 -14.92 -14.44 -9.64
CA VAL C 103 -15.07 -13.10 -9.08
C VAL C 103 -15.93 -13.22 -7.83
N THR C 104 -15.44 -12.65 -6.73
CA THR C 104 -16.13 -12.83 -5.45
C THR C 104 -16.68 -11.51 -4.93
N VAL C 105 -17.97 -11.50 -4.60
CA VAL C 105 -18.63 -10.29 -4.12
C VAL C 105 -19.37 -10.59 -2.84
N ALA C 106 -19.24 -9.71 -1.86
CA ALA C 106 -20.04 -9.81 -0.65
C ALA C 106 -21.06 -8.69 -0.64
N LEU C 107 -22.33 -9.04 -0.39
CA LEU C 107 -23.41 -8.05 -0.25
C LEU C 107 -23.76 -7.86 1.21
N ILE C 108 -23.35 -6.73 1.80
CA ILE C 108 -23.55 -6.45 3.21
C ILE C 108 -24.83 -5.63 3.38
N ASN C 109 -25.91 -6.32 3.74
CA ASN C 109 -27.23 -5.68 3.80
C ASN C 109 -27.52 -5.00 5.15
N GLY C 110 -27.32 -5.73 6.24
CA GLY C 110 -27.52 -5.21 7.57
C GLY C 110 -26.20 -5.13 8.31
N TYR C 111 -26.23 -5.19 9.64
CA TYR C 111 -24.98 -5.07 10.38
C TYR C 111 -24.02 -6.26 10.20
N ALA C 112 -22.74 -5.98 10.33
CA ALA C 112 -21.71 -7.00 10.21
C ALA C 112 -20.65 -6.72 11.26
N TYR C 113 -20.56 -7.60 12.27
CA TYR C 113 -19.66 -7.42 13.41
C TYR C 113 -18.46 -8.35 13.38
N GLY C 114 -17.29 -7.78 13.69
CA GLY C 114 -16.05 -8.53 13.83
C GLY C 114 -15.80 -9.41 12.62
N GLY C 115 -15.49 -10.67 12.88
CA GLY C 115 -15.30 -11.65 11.80
C GLY C 115 -16.47 -11.76 10.85
N GLY C 116 -17.66 -11.43 11.32
CA GLY C 116 -18.85 -11.42 10.50
C GLY C 116 -18.70 -10.49 9.31
N PHE C 117 -17.95 -9.40 9.49
CA PHE C 117 -17.58 -8.56 8.36
C PHE C 117 -16.21 -8.93 7.80
N ASN C 118 -15.24 -9.12 8.69
CA ASN C 118 -13.84 -9.28 8.28
C ASN C 118 -13.56 -10.40 7.29
N MET C 119 -14.28 -11.52 7.43
CA MET C 119 -14.12 -12.63 6.47
C MET C 119 -14.36 -12.16 5.04
N MET C 120 -15.32 -11.25 4.88
CA MET C 120 -15.65 -10.76 3.54
C MET C 120 -14.59 -9.84 2.95
N LEU C 121 -13.61 -9.41 3.76
CA LEU C 121 -12.53 -8.59 3.22
C LEU C 121 -11.66 -9.36 2.21
N ALA C 122 -11.82 -10.68 2.19
CA ALA C 122 -11.14 -11.53 1.20
C ALA C 122 -11.76 -11.44 -0.20
N CYS C 123 -12.96 -10.88 -0.29
CA CYS C 123 -13.67 -10.80 -1.57
C CYS C 123 -13.08 -9.72 -2.45
N ASP C 124 -13.29 -9.90 -3.76
CA ASP C 124 -12.88 -8.90 -4.75
C ASP C 124 -13.64 -7.59 -4.62
N ARG C 125 -14.90 -7.66 -4.17
CA ARG C 125 -15.70 -6.47 -4.04
C ARG C 125 -16.67 -6.65 -2.90
N ARG C 126 -16.81 -5.61 -2.08
CA ARG C 126 -17.76 -5.59 -1.00
C ARG C 126 -18.71 -4.43 -1.27
N ILE C 127 -20.00 -4.77 -1.39
CA ILE C 127 -21.04 -3.78 -1.62
C ILE C 127 -22.00 -3.78 -0.44
N ALA C 128 -22.30 -2.60 0.09
CA ALA C 128 -23.14 -2.51 1.28
C ALA C 128 -24.43 -1.74 0.95
N LEU C 129 -25.51 -2.08 1.64
CA LEU C 129 -26.69 -1.23 1.62
C LEU C 129 -26.34 -0.05 2.51
N ARG C 130 -26.92 1.11 2.20
CA ARG C 130 -26.61 2.33 2.94
C ARG C 130 -26.79 2.12 4.43
N ARG C 131 -27.71 1.24 4.80
CA ARG C 131 -28.09 1.09 6.21
C ARG C 131 -27.17 0.17 7.01
N ALA C 132 -26.28 -0.54 6.31
CA ALA C 132 -25.33 -1.43 6.96
C ALA C 132 -24.47 -0.73 8.01
N LYS C 133 -24.14 -1.45 9.07
CA LYS C 133 -23.32 -0.92 10.15
C LYS C 133 -22.23 -1.93 10.49
N PHE C 134 -21.10 -1.43 10.96
CA PHE C 134 -19.93 -2.28 11.15
C PHE C 134 -19.29 -2.08 12.52
N LEU C 135 -18.60 -3.10 13.00
CA LEU C 135 -17.98 -3.04 14.30
C LEU C 135 -16.73 -3.91 14.40
N GLU C 136 -15.66 -3.33 14.94
CA GLU C 136 -14.47 -4.07 15.28
C GLU C 136 -14.23 -3.90 16.77
N ASN C 137 -14.47 -4.96 17.54
CA ASN C 137 -14.49 -4.83 19.01
C ASN C 137 -13.39 -5.60 19.74
N PHE C 138 -12.25 -5.84 19.08
CA PHE C 138 -11.17 -6.61 19.68
C PHE C 138 -10.55 -5.94 20.91
N HIS C 139 -10.48 -4.61 20.89
CA HIS C 139 -9.80 -3.86 21.95
C HIS C 139 -10.51 -4.08 23.30
N LYS C 140 -11.82 -3.86 23.34
CA LYS C 140 -12.59 -4.09 24.57
C LYS C 140 -12.59 -5.56 24.98
N MET C 141 -12.58 -6.47 23.99
CA MET C 141 -12.63 -7.90 24.26
C MET C 141 -11.31 -8.43 24.80
N GLY C 142 -10.24 -7.67 24.62
CA GLY C 142 -8.93 -8.12 25.04
C GLY C 142 -8.32 -9.22 24.20
N ILE C 143 -8.69 -9.27 22.93
CA ILE C 143 -8.12 -10.27 22.04
C ILE C 143 -7.48 -9.61 20.82
N SER C 144 -6.64 -10.38 20.14
CA SER C 144 -5.98 -9.94 18.92
C SER C 144 -6.88 -10.21 17.72
N PRO C 145 -6.60 -9.53 16.59
CA PRO C 145 -7.49 -9.72 15.44
C PRO C 145 -7.28 -11.09 14.82
N ASP C 146 -8.37 -11.69 14.34
CA ASP C 146 -8.34 -13.02 13.77
C ASP C 146 -9.17 -13.05 12.48
N LEU C 147 -9.31 -14.25 11.90
CA LEU C 147 -10.00 -14.45 10.64
C LEU C 147 -9.47 -13.55 9.52
N GLY C 148 -8.16 -13.32 9.55
CA GLY C 148 -7.49 -12.58 8.49
C GLY C 148 -7.47 -11.07 8.71
N ALA C 149 -8.15 -10.60 9.76
CA ALA C 149 -8.26 -9.17 9.96
C ALA C 149 -6.89 -8.49 10.12
N SER C 150 -5.91 -9.18 10.70
CA SER C 150 -4.60 -8.57 10.93
C SER C 150 -3.83 -8.47 9.62
N TYR C 151 -4.27 -9.23 8.63
CA TYR C 151 -3.69 -9.16 7.30
C TYR C 151 -4.44 -8.12 6.45
N PHE C 152 -5.76 -8.22 6.41
CA PHE C 152 -6.55 -7.35 5.54
C PHE C 152 -6.65 -5.89 5.97
N LEU C 153 -6.87 -5.65 7.25
CA LEU C 153 -7.07 -4.26 7.67
C LEU C 153 -5.91 -3.31 7.32
N PRO C 154 -4.67 -3.65 7.69
CA PRO C 154 -3.61 -2.68 7.37
C PRO C 154 -3.39 -2.51 5.87
N ARG C 155 -3.61 -3.56 5.11
CA ARG C 155 -3.42 -3.50 3.68
C ARG C 155 -4.49 -2.66 2.99
N ILE C 156 -5.69 -2.66 3.56
CA ILE C 156 -6.80 -1.93 2.95
C ILE C 156 -6.88 -0.48 3.43
N ILE C 157 -6.79 -0.27 4.73
CA ILE C 157 -7.00 1.07 5.30
C ILE C 157 -5.76 1.73 5.85
N GLY C 158 -4.67 0.98 5.93
CA GLY C 158 -3.41 1.50 6.47
C GLY C 158 -3.17 1.06 7.90
N TYR C 159 -1.91 0.97 8.28
CA TYR C 159 -1.57 0.58 9.64
C TYR C 159 -2.09 1.58 10.69
N GLU C 160 -1.77 2.86 10.51
CA GLU C 160 -2.16 3.87 11.49
C GLU C 160 -3.69 3.91 11.68
N GLN C 161 -4.39 3.80 10.58
CA GLN C 161 -5.84 3.86 10.62
C GLN C 161 -6.42 2.60 11.26
N THR C 162 -5.78 1.45 11.04
CA THR C 162 -6.20 0.21 11.68
C THR C 162 -6.04 0.30 13.21
N MET C 163 -4.90 0.77 13.67
CA MET C 163 -4.69 0.91 15.11
C MET C 163 -5.78 1.82 15.70
N ASN C 164 -6.09 2.91 15.01
CA ASN C 164 -7.12 3.82 15.53
C ASN C 164 -8.51 3.22 15.47
N LEU C 165 -8.79 2.49 14.40
CA LEU C 165 -10.09 1.84 14.26
C LEU C 165 -10.31 0.89 15.42
N LEU C 166 -9.26 0.14 15.76
CA LEU C 166 -9.37 -0.87 16.80
C LEU C 166 -9.48 -0.20 18.17
N LEU C 167 -8.68 0.85 18.38
CA LEU C 167 -8.71 1.58 19.63
C LEU C 167 -10.09 2.18 19.92
N GLU C 168 -10.70 2.79 18.91
CA GLU C 168 -11.98 3.43 19.09
C GLU C 168 -13.15 2.46 19.26
N GLY C 169 -13.05 1.30 18.61
CA GLY C 169 -14.09 0.29 18.68
C GLY C 169 -15.50 0.83 18.62
N LYS C 170 -15.79 1.66 17.62
CA LYS C 170 -17.12 2.25 17.45
C LYS C 170 -17.93 1.51 16.40
N LEU C 171 -19.24 1.53 16.55
CA LEU C 171 -20.13 1.17 15.46
C LEU C 171 -20.02 2.24 14.38
N PHE C 172 -19.61 1.84 13.17
CA PHE C 172 -19.47 2.82 12.10
C PHE C 172 -20.35 2.58 10.88
N THR C 173 -20.59 3.64 10.10
CA THR C 173 -21.56 3.63 9.03
C THR C 173 -20.98 3.08 7.75
N SER C 174 -21.85 2.78 6.79
CA SER C 174 -21.43 2.37 5.46
C SER C 174 -20.61 3.50 4.82
N GLU C 175 -21.00 4.74 5.08
CA GLU C 175 -20.24 5.87 4.57
C GLU C 175 -18.79 5.84 5.04
N GLU C 176 -18.57 5.55 6.32
CA GLU C 176 -17.21 5.50 6.86
C GLU C 176 -16.46 4.27 6.32
N ALA C 177 -17.19 3.16 6.17
CA ALA C 177 -16.61 1.94 5.61
C ALA C 177 -16.14 2.22 4.20
N LEU C 178 -16.98 2.91 3.44
CA LEU C 178 -16.66 3.29 2.07
C LEU C 178 -15.46 4.22 1.98
N ARG C 179 -15.48 5.28 2.80
CA ARG C 179 -14.35 6.21 2.89
C ARG C 179 -13.02 5.50 3.15
N LEU C 180 -13.03 4.56 4.09
CA LEU C 180 -11.83 3.81 4.46
C LEU C 180 -11.36 2.84 3.38
N GLY C 181 -12.30 2.39 2.54
CA GLY C 181 -12.00 1.42 1.50
C GLY C 181 -12.36 0.01 1.92
N LEU C 182 -12.95 -0.14 3.09
CA LEU C 182 -13.43 -1.44 3.54
C LEU C 182 -14.53 -1.99 2.63
N ILE C 183 -15.41 -1.11 2.14
CA ILE C 183 -16.32 -1.48 1.06
C ILE C 183 -16.06 -0.60 -0.16
N GLN C 184 -16.51 -1.06 -1.31
CA GLN C 184 -16.23 -0.40 -2.57
C GLN C 184 -17.35 0.51 -3.05
N GLU C 185 -18.56 0.19 -2.63
CA GLU C 185 -19.70 0.99 -3.07
C GLU C 185 -20.94 0.78 -2.20
N ILE C 186 -21.89 1.69 -2.32
CA ILE C 186 -23.10 1.67 -1.51
C ILE C 186 -24.31 1.64 -2.42
N CYS C 187 -25.27 0.79 -2.10
CA CYS C 187 -26.54 0.80 -2.80
C CYS C 187 -27.62 1.25 -1.83
N GLU C 188 -28.62 1.97 -2.31
CA GLU C 188 -29.62 2.58 -1.42
C GLU C 188 -30.62 1.60 -0.83
N ASN C 189 -30.99 0.58 -1.59
CA ASN C 189 -31.98 -0.39 -1.14
C ASN C 189 -31.83 -1.74 -1.79
N LYS C 190 -32.59 -2.71 -1.28
CA LYS C 190 -32.56 -4.09 -1.78
C LYS C 190 -32.73 -4.19 -3.29
N GLN C 191 -33.68 -3.45 -3.83
CA GLN C 191 -34.01 -3.58 -5.25
C GLN C 191 -32.92 -3.00 -6.14
N GLU C 192 -32.39 -1.85 -5.74
CA GLU C 192 -31.29 -1.24 -6.48
C GLU C 192 -30.07 -2.15 -6.40
N LEU C 193 -29.90 -2.80 -5.27
CA LEU C 193 -28.79 -3.71 -5.06
C LEU C 193 -28.94 -4.91 -5.99
N GLN C 194 -30.15 -5.43 -6.09
CA GLN C 194 -30.43 -6.56 -6.96
C GLN C 194 -30.12 -6.25 -8.42
N GLU C 195 -30.56 -5.09 -8.90
CA GLU C 195 -30.27 -4.70 -10.27
C GLU C 195 -28.79 -4.37 -10.46
N ARG C 196 -28.15 -3.77 -9.45
CA ARG C 196 -26.71 -3.50 -9.52
C ARG C 196 -25.92 -4.80 -9.66
N VAL C 197 -26.23 -5.78 -8.81
CA VAL C 197 -25.56 -7.07 -8.87
C VAL C 197 -25.77 -7.74 -10.23
N LYS C 198 -27.00 -7.65 -10.73
CA LYS C 198 -27.33 -8.19 -12.06
C LYS C 198 -26.44 -7.56 -13.13
N ASN C 199 -26.30 -6.24 -13.07
CA ASN C 199 -25.48 -5.53 -14.04
C ASN C 199 -23.99 -5.89 -13.89
N TYR C 200 -23.55 -6.00 -12.65
CA TYR C 200 -22.16 -6.36 -12.37
C TYR C 200 -21.81 -7.75 -12.92
N LEU C 201 -22.67 -8.71 -12.63
CA LEU C 201 -22.51 -10.06 -13.15
C LEU C 201 -22.52 -10.13 -14.67
N LYS C 202 -23.33 -9.29 -15.32
CA LYS C 202 -23.28 -9.21 -16.77
C LYS C 202 -21.90 -8.79 -17.25
N ALA C 203 -21.34 -7.77 -16.60
CA ALA C 203 -20.01 -7.30 -16.95
C ALA C 203 -18.98 -8.41 -16.76
N VAL C 204 -19.06 -9.14 -15.65
CA VAL C 204 -18.16 -10.27 -15.44
C VAL C 204 -18.30 -11.32 -16.54
N SER C 205 -19.54 -11.61 -16.93
CA SER C 205 -19.80 -12.68 -17.90
C SER C 205 -19.21 -12.41 -19.29
N GLU C 206 -18.95 -11.15 -19.59
CA GLU C 206 -18.34 -10.72 -20.85
C GLU C 206 -16.90 -11.23 -20.97
N GLY C 207 -16.32 -11.63 -19.85
CA GLY C 207 -14.96 -12.11 -19.85
C GLY C 207 -14.84 -13.60 -20.09
N TYR C 208 -13.62 -14.11 -19.93
CA TYR C 208 -13.31 -15.50 -20.18
C TYR C 208 -12.83 -16.11 -18.87
N VAL C 209 -13.50 -17.16 -18.43
CA VAL C 209 -13.26 -17.71 -17.09
C VAL C 209 -11.78 -18.01 -16.76
N PRO C 210 -11.06 -18.70 -17.65
CA PRO C 210 -9.65 -18.95 -17.35
C PRO C 210 -8.79 -17.68 -17.32
N ALA C 211 -9.18 -16.66 -18.07
CA ALA C 211 -8.47 -15.38 -18.07
C ALA C 211 -8.69 -14.59 -16.77
N ILE C 212 -9.93 -14.64 -16.26
CA ILE C 212 -10.28 -14.05 -14.96
C ILE C 212 -9.43 -14.72 -13.87
N ALA C 213 -9.36 -16.05 -13.92
CA ALA C 213 -8.60 -16.81 -12.95
C ALA C 213 -7.12 -16.46 -13.00
N ALA C 214 -6.57 -16.36 -14.22
CA ALA C 214 -5.16 -16.05 -14.37
C ALA C 214 -4.90 -14.62 -13.92
N THR C 215 -5.86 -13.75 -14.19
CA THR C 215 -5.71 -12.35 -13.80
C THR C 215 -5.60 -12.23 -12.28
N LYS C 216 -6.51 -12.89 -11.58
CA LYS C 216 -6.53 -12.87 -10.11
C LYS C 216 -5.25 -13.46 -9.54
N LYS C 217 -4.80 -14.56 -10.13
CA LYS C 217 -3.56 -15.21 -9.70
C LYS C 217 -2.36 -14.26 -9.82
N LEU C 218 -2.24 -13.58 -10.97
CA LEU C 218 -1.17 -12.61 -11.18
C LEU C 218 -1.24 -11.43 -10.20
N LEU C 219 -2.41 -10.83 -10.09
CA LEU C 219 -2.57 -9.66 -9.20
C LEU C 219 -2.20 -10.00 -7.75
N LYS C 220 -2.55 -11.21 -7.33
CA LYS C 220 -2.28 -11.63 -5.95
C LYS C 220 -0.81 -11.97 -5.72
N GLY C 221 -0.15 -12.52 -6.72
CA GLY C 221 1.28 -12.85 -6.56
C GLY C 221 1.48 -13.76 -5.37
N LYS C 222 2.34 -13.35 -4.45
CA LYS C 222 2.65 -14.16 -3.26
C LYS C 222 1.68 -13.95 -2.09
N ALA C 223 0.64 -13.16 -2.29
CA ALA C 223 -0.24 -12.80 -1.18
C ALA C 223 -0.98 -14.00 -0.60
N ALA C 224 -1.28 -15.02 -1.41
CA ALA C 224 -2.02 -16.14 -0.87
C ALA C 224 -1.19 -16.90 0.18
N GLU C 225 0.10 -17.05 -0.08
CA GLU C 225 0.98 -17.71 0.86
C GLU C 225 1.17 -16.83 2.10
N GLU C 226 1.34 -15.53 1.88
CA GLU C 226 1.40 -14.55 2.97
C GLU C 226 0.18 -14.65 3.91
N LEU C 227 -1.01 -14.68 3.32
CA LEU C 227 -2.23 -14.77 4.09
C LEU C 227 -2.28 -16.08 4.88
N LYS C 228 -1.96 -17.19 4.22
CA LYS C 228 -2.00 -18.48 4.89
C LYS C 228 -1.12 -18.48 6.12
N GLN C 229 0.12 -18.00 5.97
CA GLN C 229 1.03 -17.92 7.10
C GLN C 229 0.44 -17.01 8.16
N GLN C 230 -0.14 -15.88 7.73
CA GLN C 230 -0.66 -14.92 8.69
C GLN C 230 -1.86 -15.47 9.47
N LEU C 231 -2.70 -16.27 8.82
CA LEU C 231 -3.82 -16.89 9.51
C LEU C 231 -3.28 -17.81 10.60
N GLU C 232 -2.16 -18.47 10.32
CA GLU C 232 -1.55 -19.37 11.29
C GLU C 232 -1.00 -18.58 12.47
N GLN C 233 -0.45 -17.42 12.20
CA GLN C 233 0.04 -16.54 13.27
C GLN C 233 -1.12 -16.03 14.11
N GLU C 234 -2.22 -15.67 13.47
CA GLU C 234 -3.38 -15.18 14.22
C GLU C 234 -3.89 -16.24 15.18
N THR C 235 -3.89 -17.48 14.70
CA THR C 235 -4.37 -18.58 15.53
C THR C 235 -3.44 -18.75 16.72
N GLU C 236 -2.13 -18.74 16.46
CA GLU C 236 -1.13 -18.92 17.51
C GLU C 236 -1.27 -17.89 18.61
N GLU C 237 -1.52 -16.63 18.23
CA GLU C 237 -1.66 -15.56 19.21
C GLU C 237 -3.00 -15.58 19.93
N LEU C 238 -4.07 -15.93 19.21
CA LEU C 238 -5.38 -15.97 19.84
C LEU C 238 -5.43 -17.12 20.84
N VAL C 239 -4.85 -18.26 20.46
CA VAL C 239 -4.76 -19.41 21.37
C VAL C 239 -4.05 -19.02 22.66
N ALA C 240 -2.94 -18.30 22.55
CA ALA C 240 -2.18 -17.89 23.74
C ALA C 240 -3.00 -16.95 24.62
N LEU C 241 -3.76 -16.06 24.00
CA LEU C 241 -4.55 -15.11 24.78
C LEU C 241 -5.74 -15.74 25.49
N PHE C 242 -6.34 -16.74 24.84
CA PHE C 242 -7.50 -17.42 25.41
C PHE C 242 -7.14 -18.27 26.63
N LYS C 243 -5.85 -18.49 26.86
CA LYS C 243 -5.40 -19.15 28.08
C LYS C 243 -5.39 -18.19 29.28
N GLN C 244 -5.51 -16.89 29.02
CA GLN C 244 -5.33 -15.89 30.07
C GLN C 244 -6.64 -15.47 30.74
N THR C 245 -6.63 -15.37 32.06
CA THR C 245 -7.84 -15.09 32.82
C THR C 245 -8.58 -13.84 32.37
N GLU C 246 -7.82 -12.84 31.92
CA GLU C 246 -8.40 -11.56 31.54
C GLU C 246 -9.43 -11.71 30.43
N ILE C 247 -9.16 -12.60 29.48
CA ILE C 247 -10.06 -12.77 28.35
C ILE C 247 -11.44 -13.29 28.80
N LYS C 248 -11.43 -14.32 29.64
CA LYS C 248 -12.69 -14.84 30.17
C LYS C 248 -13.47 -13.76 30.93
N LYS C 249 -12.75 -12.94 31.69
CA LYS C 249 -13.37 -11.87 32.47
C LYS C 249 -14.04 -10.85 31.58
N ARG C 250 -13.37 -10.48 30.48
CA ARG C 250 -13.89 -9.47 29.58
C ARG C 250 -15.10 -9.97 28.80
N LEU C 251 -15.05 -11.23 28.37
CA LEU C 251 -16.17 -11.83 27.65
C LEU C 251 -17.42 -11.90 28.54
N GLU C 252 -17.23 -12.33 29.77
CA GLU C 252 -18.32 -12.38 30.73
C GLU C 252 -18.93 -11.00 30.91
N ALA C 253 -18.07 -10.00 31.15
CA ALA C 253 -18.54 -8.64 31.32
C ALA C 253 -19.39 -8.24 30.12
N LEU C 254 -18.87 -8.48 28.92
CA LEU C 254 -19.58 -8.15 27.70
C LEU C 254 -20.88 -8.94 27.59
#